data_5XU9
#
_entry.id   5XU9
#
_cell.length_a   101.259
_cell.length_b   186.041
_cell.length_c   98.667
_cell.angle_alpha   90.00
_cell.angle_beta   90.00
_cell.angle_gamma   90.00
#
_symmetry.space_group_name_H-M   'C 2 2 21'
#
loop_
_entity.id
_entity.type
_entity.pdbx_description
1 polymer Transketolase
2 non-polymer 'CALCIUM ION'
3 non-polymer DI(HYDROXYETHYL)ETHER
4 non-polymer '2-[(2E)-3-[(4-azanyl-2-methyl-pyrimidin-5-yl)methyl]-2-[1,2-bis(oxidanyl)ethylidene]-4-methyl-1,3-thiazol-5-yl]ethyl phosphono hydrogen phosphate'
5 non-polymer ERYTHOSE-4-PHOSPHATE
6 water water
#
_entity_poly.entity_id   1
_entity_poly.type   'polypeptide(L)'
_entity_poly.pdbx_seq_one_letter_code
;MGSSHHHHHHSSGLVPRGSHMSSVDQKAISTIRLLAVDAVAAANSGHPGAPLGLAPAAHAVFKKMRFNPKDTKWINRDRF
VLSNGHACALLYSMLVLYGYDLTVEDLKKFRQLGSKTPGHPENTDVPGAEVTTGPLGQGICNGVGIALAQAQFAATYNKP
DFPISDSYTYVFLGDGCLMEGVSSEASSLAGHLQLGNLIAFWDDNKISIDGSTEVAFTEDVIARYKSYGWHIVEVSDADT
DITAIAAAIDEAKKVTNKPTLVRLTTTIGFGSLAQGTHGVHGAPLKADDIKQLKTKWGFNPEESFAVPAEVTASYNEHVA
ENQKIQQQWNELFAAYKQKYPELGAELQRRLDGKLPENWDKALPVYTPADAAVATRKLSEIVLSKIIPEVPEIIGGSADL
TPSNLTKAKGTVDFQPAATGLGDYSGRYIRYGVREHAMGAIMNGIAAFGANYKNYGGTFLNFVSYAAGAVRLSALSEFPI
TWVATHDSIGLGEDGPTHQPIETLAHFRATPNISVWRPADGNETSAAYKSAIESTHTPHILALTRQNLPQLEGSSIEKAS
KGGYTLVQQDKADIIIVATGSEVSLAVDALKVLEGQGIKAGVVSLPDQLTFDKQSEEYKLSVLPDGVPILSVEVMSTFGW
SKYSHQQFGLNRFGASGKAPEIFKLFEFTPEGVAERAAKTVAFYKGKDVVSPLRSAF
;
_entity_poly.pdbx_strand_id   A
#
loop_
_chem_comp.id
_chem_comp.type
_chem_comp.name
_chem_comp.formula
8N9 non-polymer '2-[(2E)-3-[(4-azanyl-2-methyl-pyrimidin-5-yl)methyl]-2-[1,2-bis(oxidanyl)ethylidene]-4-methyl-1,3-thiazol-5-yl]ethyl phosphono hydrogen phosphate' 'C14 H22 N4 O9 P2 S'
CA non-polymer 'CALCIUM ION' 'Ca 2'
E4P saccharide ERYTHOSE-4-PHOSPHATE 'C4 H9 O7 P'
PEG non-polymer DI(HYDROXYETHYL)ETHER 'C4 H10 O3'
#
# COMPACT_ATOMS: atom_id res chain seq x y z
N SER A 23 24.68 30.47 15.08
CA SER A 23 24.13 30.80 13.76
C SER A 23 22.63 30.52 13.71
N VAL A 24 21.97 30.98 12.63
CA VAL A 24 20.56 30.67 12.54
C VAL A 24 20.35 29.18 12.27
N ASP A 25 21.26 28.55 11.52
CA ASP A 25 21.14 27.11 11.32
C ASP A 25 21.25 26.38 12.65
N GLN A 26 22.22 26.77 13.48
CA GLN A 26 22.35 26.11 14.78
C GLN A 26 21.09 26.33 15.61
N LYS A 27 20.55 27.54 15.58
CA LYS A 27 19.30 27.78 16.30
C LYS A 27 18.14 26.96 15.76
N ALA A 28 18.05 26.80 14.44
CA ALA A 28 17.00 25.96 13.87
C ALA A 28 17.11 24.53 14.36
N ILE A 29 18.34 23.98 14.33
CA ILE A 29 18.54 22.60 14.79
C ILE A 29 18.10 22.47 16.24
N SER A 30 18.52 23.41 17.08
CA SER A 30 18.09 23.37 18.48
C SER A 30 16.58 23.47 18.61
N THR A 31 15.96 24.31 17.78
CA THR A 31 14.51 24.47 17.84
C THR A 31 13.83 23.14 17.53
N ILE A 32 14.28 22.48 16.48
CA ILE A 32 13.72 21.17 16.08
C ILE A 32 13.85 20.18 17.23
N ARG A 33 15.07 20.07 17.78
CA ARG A 33 15.33 19.13 18.86
C ARG A 33 14.39 19.39 20.04
N LEU A 34 14.25 20.65 20.41
CA LEU A 34 13.46 20.99 21.58
C LEU A 34 11.97 20.88 21.35
N LEU A 35 11.49 21.19 20.13
CA LEU A 35 10.08 20.93 19.82
C LEU A 35 9.78 19.46 20.01
N ALA A 36 10.66 18.60 19.49
CA ALA A 36 10.38 17.17 19.54
C ALA A 36 10.37 16.69 20.98
N VAL A 37 11.35 17.13 21.76
CA VAL A 37 11.44 16.71 23.17
C VAL A 37 10.25 17.24 23.96
N ASP A 38 9.84 18.49 23.70
CA ASP A 38 8.70 19.06 24.41
C ASP A 38 7.41 18.35 24.03
N ALA A 39 7.28 17.92 22.76
CA ALA A 39 6.09 17.16 22.36
C ALA A 39 5.99 15.83 23.10
N VAL A 40 7.11 15.10 23.14
CA VAL A 40 7.16 13.86 23.91
C VAL A 40 6.84 14.13 25.37
N ALA A 41 7.39 15.21 25.93
CA ALA A 41 7.15 15.52 27.34
C ALA A 41 5.67 15.78 27.59
N ALA A 42 5.02 16.52 26.70
CA ALA A 42 3.60 16.85 26.92
C ALA A 42 2.74 15.60 26.87
N ALA A 43 3.07 14.66 25.98
CA ALA A 43 2.30 13.43 25.89
C ALA A 43 2.65 12.46 27.02
N ASN A 44 3.83 12.65 27.60
CA ASN A 44 4.43 11.66 28.48
C ASN A 44 4.47 10.31 27.80
N SER A 45 4.78 10.32 26.51
CA SER A 45 4.80 9.12 25.68
C SER A 45 5.56 9.49 24.42
N GLY A 46 6.29 8.53 23.88
CA GLY A 46 6.95 8.67 22.59
C GLY A 46 8.45 8.64 22.66
N HIS A 47 9.08 9.05 21.56
CA HIS A 47 10.43 8.63 21.23
C HIS A 47 11.28 9.87 20.98
N PRO A 48 12.09 10.31 21.97
CA PRO A 48 12.92 11.52 21.78
C PRO A 48 14.28 11.25 21.16
N GLY A 49 14.78 10.01 21.22
CA GLY A 49 16.17 9.78 20.91
C GLY A 49 16.53 10.04 19.45
N ALA A 50 15.86 9.36 18.55
CA ALA A 50 16.18 9.56 17.14
C ALA A 50 15.86 10.97 16.68
N PRO A 51 14.79 11.63 17.13
CA PRO A 51 14.62 13.06 16.78
C PRO A 51 15.82 13.89 17.18
N LEU A 52 16.36 13.69 18.39
CA LEU A 52 17.53 14.45 18.79
C LEU A 52 18.72 14.17 17.89
N GLY A 53 18.93 12.89 17.53
CA GLY A 53 20.07 12.54 16.72
C GLY A 53 19.95 12.98 15.26
N LEU A 54 18.71 13.07 14.75
CA LEU A 54 18.54 13.33 13.33
C LEU A 54 18.16 14.78 13.04
N ALA A 55 18.01 15.64 14.05
CA ALA A 55 17.63 17.02 13.73
C ALA A 55 18.60 17.70 12.80
N PRO A 56 19.92 17.55 12.90
CA PRO A 56 20.81 18.20 11.93
C PRO A 56 20.53 17.74 10.51
N ALA A 57 20.40 16.44 10.34
CA ALA A 57 20.14 15.90 9.01
C ALA A 57 18.77 16.37 8.49
N ALA A 58 17.75 16.40 9.35
CA ALA A 58 16.43 16.85 8.92
C ALA A 58 16.51 18.29 8.47
N HIS A 59 17.22 19.14 9.24
CA HIS A 59 17.37 20.52 8.82
C HIS A 59 18.04 20.60 7.45
N ALA A 60 19.13 19.86 7.27
CA ALA A 60 19.88 19.94 6.03
C ALA A 60 19.09 19.42 4.85
N VAL A 61 18.38 18.30 5.03
CA VAL A 61 17.62 17.71 3.93
C VAL A 61 16.46 18.63 3.54
N PHE A 62 15.69 19.12 4.54
CA PHE A 62 14.57 19.97 4.17
C PHE A 62 15.03 21.25 3.49
N LYS A 63 16.23 21.78 3.83
N LYS A 63 16.21 21.76 3.84
CA LYS A 63 16.72 22.96 3.10
CA LYS A 63 16.77 22.92 3.14
C LYS A 63 17.12 22.66 1.68
C LYS A 63 16.97 22.62 1.66
N LYS A 64 17.41 21.41 1.34
CA LYS A 64 17.64 21.01 -0.04
C LYS A 64 16.36 20.63 -0.77
N MET A 65 15.28 20.29 -0.07
CA MET A 65 14.05 19.81 -0.69
C MET A 65 13.23 20.96 -1.27
N ARG A 66 12.58 20.66 -2.38
CA ARG A 66 11.57 21.52 -2.98
C ARG A 66 10.18 21.02 -2.63
N PHE A 67 9.38 21.88 -1.99
CA PHE A 67 8.07 21.47 -1.51
C PHE A 67 7.29 22.77 -1.25
N ASN A 68 5.96 22.65 -1.23
CA ASN A 68 5.09 23.78 -0.93
C ASN A 68 4.21 23.38 0.23
N PRO A 69 4.39 23.95 1.43
CA PRO A 69 3.50 23.60 2.56
C PRO A 69 2.04 23.89 2.29
N LYS A 70 1.76 24.81 1.37
CA LYS A 70 0.41 25.15 1.00
C LYS A 70 -0.10 24.34 -0.18
N ASP A 71 0.73 23.47 -0.77
CA ASP A 71 0.24 22.57 -1.80
C ASP A 71 1.00 21.24 -1.67
N THR A 72 0.48 20.40 -0.80
CA THR A 72 1.12 19.14 -0.48
C THR A 72 1.09 18.15 -1.64
N LYS A 73 0.33 18.44 -2.69
CA LYS A 73 0.19 17.52 -3.81
C LYS A 73 0.91 17.98 -5.06
N TRP A 74 1.74 19.03 -5.00
CA TRP A 74 2.49 19.46 -6.19
C TRP A 74 3.26 18.26 -6.72
N ILE A 75 3.03 17.90 -7.99
CA ILE A 75 3.49 16.58 -8.45
C ILE A 75 5.02 16.53 -8.64
N ASN A 76 5.68 17.69 -8.73
CA ASN A 76 7.12 17.74 -8.86
C ASN A 76 7.83 18.07 -7.56
N ARG A 77 7.15 17.96 -6.43
CA ARG A 77 7.82 18.12 -5.15
C ARG A 77 8.84 17.00 -4.93
N ASP A 78 9.91 17.33 -4.19
CA ASP A 78 10.67 16.23 -3.59
C ASP A 78 9.82 15.57 -2.53
N ARG A 79 9.96 14.26 -2.36
CA ARG A 79 9.25 13.56 -1.28
C ARG A 79 10.22 13.21 -0.17
N PHE A 80 9.71 13.26 1.04
CA PHE A 80 10.43 12.82 2.24
C PHE A 80 9.65 11.69 2.88
N VAL A 81 10.35 10.64 3.32
CA VAL A 81 9.72 9.56 4.04
C VAL A 81 10.51 9.26 5.31
N LEU A 82 9.83 9.25 6.43
CA LEU A 82 10.42 8.88 7.72
C LEU A 82 10.13 7.39 7.96
N SER A 83 11.06 6.54 7.53
CA SER A 83 10.85 5.09 7.65
C SER A 83 10.93 4.65 9.10
N ASN A 84 11.78 5.31 9.90
CA ASN A 84 11.81 5.08 11.35
C ASN A 84 10.71 5.93 12.00
N GLY A 85 9.46 5.48 11.75
CA GLY A 85 8.29 6.32 12.03
C GLY A 85 8.10 6.68 13.49
N HIS A 86 8.64 5.88 14.39
CA HIS A 86 8.60 6.24 15.82
C HIS A 86 9.24 7.59 16.08
N ALA A 87 10.14 8.05 15.18
CA ALA A 87 10.80 9.34 15.32
C ALA A 87 9.92 10.49 14.83
N CYS A 88 8.61 10.26 14.71
CA CYS A 88 7.73 11.26 14.11
C CYS A 88 7.67 12.60 14.81
N ALA A 89 8.05 12.72 16.10
CA ALA A 89 8.10 14.05 16.67
C ALA A 89 9.02 14.94 15.85
N LEU A 90 10.05 14.36 15.23
CA LEU A 90 10.95 15.09 14.33
C LEU A 90 10.22 15.58 13.09
N LEU A 91 9.51 14.68 12.42
CA LEU A 91 8.77 15.05 11.21
C LEU A 91 7.73 16.12 11.53
N TYR A 92 6.98 15.94 12.62
CA TYR A 92 5.93 16.91 12.92
C TYR A 92 6.55 18.26 13.21
N SER A 93 7.69 18.30 13.89
CA SER A 93 8.39 19.57 14.14
C SER A 93 8.79 20.25 12.84
N MET A 94 9.32 19.49 11.86
CA MET A 94 9.67 20.12 10.59
C MET A 94 8.45 20.67 9.89
N LEU A 95 7.34 19.91 9.89
CA LEU A 95 6.13 20.36 9.21
C LEU A 95 5.57 21.63 9.84
N VAL A 96 5.60 21.70 11.18
CA VAL A 96 5.16 22.89 11.90
C VAL A 96 6.06 24.07 11.55
N LEU A 97 7.39 23.87 11.59
CA LEU A 97 8.30 24.99 11.36
C LEU A 97 8.16 25.54 9.94
N TYR A 98 7.86 24.68 8.97
CA TYR A 98 7.68 25.12 7.60
C TYR A 98 6.27 25.56 7.26
N GLY A 99 5.34 25.58 8.21
CA GLY A 99 4.03 26.13 7.94
C GLY A 99 3.11 25.24 7.13
N TYR A 100 3.29 23.93 7.23
CA TYR A 100 2.23 23.04 6.80
C TYR A 100 0.99 23.29 7.67
N ASP A 101 -0.10 22.57 7.37
CA ASP A 101 -1.35 22.68 8.11
C ASP A 101 -1.27 21.88 9.41
N LEU A 102 -0.30 22.24 10.23
CA LEU A 102 0.02 21.58 11.49
C LEU A 102 0.70 22.66 12.31
N THR A 103 0.31 22.81 13.57
CA THR A 103 0.75 23.93 14.38
C THR A 103 1.38 23.45 15.68
N VAL A 104 1.97 24.39 16.42
CA VAL A 104 2.46 24.05 17.74
C VAL A 104 1.34 23.53 18.61
N GLU A 105 0.12 24.06 18.45
CA GLU A 105 -0.99 23.52 19.25
C GLU A 105 -1.23 22.05 18.94
N ASP A 106 -1.03 21.63 17.68
CA ASP A 106 -1.11 20.20 17.38
C ASP A 106 0.03 19.42 18.04
N LEU A 107 1.27 19.98 18.06
CA LEU A 107 2.38 19.32 18.74
C LEU A 107 2.08 19.10 20.20
N LYS A 108 1.37 20.04 20.83
CA LYS A 108 1.01 19.89 22.22
C LYS A 108 0.03 18.75 22.42
N LYS A 109 -0.62 18.29 21.36
CA LYS A 109 -1.55 17.18 21.40
C LYS A 109 -0.95 15.90 20.81
N PHE A 110 0.36 15.82 20.74
CA PHE A 110 1.05 14.60 20.29
C PHE A 110 0.51 13.40 21.03
N ARG A 111 0.17 12.35 20.28
CA ARG A 111 -0.23 11.07 20.87
C ARG A 111 -1.54 11.16 21.65
N GLN A 112 -2.33 12.22 21.48
CA GLN A 112 -3.62 12.33 22.15
C GLN A 112 -4.76 11.98 21.20
N LEU A 113 -5.81 11.38 21.78
CA LEU A 113 -6.91 10.87 20.96
C LEU A 113 -7.48 11.95 20.07
N GLY A 114 -7.56 11.66 18.77
CA GLY A 114 -8.14 12.58 17.82
C GLY A 114 -7.20 13.63 17.27
N SER A 115 -5.95 13.69 17.71
CA SER A 115 -5.08 14.76 17.25
C SER A 115 -4.53 14.53 15.84
N LYS A 116 -3.96 15.61 15.28
CA LYS A 116 -3.26 15.54 14.00
C LYS A 116 -1.83 15.09 14.13
N THR A 117 -1.43 14.67 15.33
CA THR A 117 -0.07 14.26 15.60
C THR A 117 -0.06 12.89 16.28
N PRO A 118 -0.51 11.87 15.57
CA PRO A 118 -0.53 10.52 16.16
C PRO A 118 0.87 9.99 16.40
N GLY A 119 0.92 8.94 17.23
CA GLY A 119 2.19 8.39 17.65
C GLY A 119 3.08 7.81 16.58
N HIS A 120 2.52 7.49 15.42
CA HIS A 120 3.27 7.18 14.20
C HIS A 120 2.57 7.90 13.06
N PRO A 121 3.30 8.34 12.04
CA PRO A 121 2.67 9.20 11.05
C PRO A 121 1.72 8.46 10.16
N GLU A 122 0.58 9.09 9.88
CA GLU A 122 -0.48 8.51 9.05
C GLU A 122 -0.73 9.47 7.91
N ASN A 123 -0.62 9.00 6.66
CA ASN A 123 -0.84 9.88 5.52
C ASN A 123 -2.27 10.38 5.44
N THR A 124 -3.26 9.66 6.00
CA THR A 124 -4.63 10.11 5.91
C THR A 124 -4.88 11.29 6.84
N ASP A 125 -4.08 11.43 7.90
CA ASP A 125 -4.35 12.37 8.98
C ASP A 125 -3.34 13.52 9.07
N VAL A 126 -2.13 13.36 8.53
CA VAL A 126 -1.05 14.29 8.78
C VAL A 126 -0.68 14.96 7.48
N PRO A 127 -0.88 16.27 7.36
CA PRO A 127 -0.45 16.97 6.14
C PRO A 127 1.06 16.89 6.02
N GLY A 128 1.56 16.47 4.84
CA GLY A 128 3.00 16.31 4.64
C GLY A 128 3.56 14.94 4.99
N ALA A 129 2.72 14.01 5.47
CA ALA A 129 3.12 12.61 5.61
C ALA A 129 2.74 11.89 4.32
N GLU A 130 3.76 11.47 3.55
CA GLU A 130 3.48 10.87 2.24
C GLU A 130 2.89 9.48 2.35
N VAL A 131 3.24 8.77 3.42
CA VAL A 131 2.90 7.37 3.63
C VAL A 131 2.74 7.19 5.12
N THR A 132 2.22 6.02 5.51
CA THR A 132 2.05 5.68 6.92
C THR A 132 3.21 4.79 7.33
N THR A 133 3.95 5.21 8.32
CA THR A 133 5.08 4.42 8.78
C THR A 133 4.92 4.14 10.27
N GLY A 134 5.91 3.44 10.83
CA GLY A 134 5.73 2.93 12.20
C GLY A 134 6.05 1.44 12.23
N PRO A 135 5.49 0.67 11.33
CA PRO A 135 5.95 -0.72 11.13
C PRO A 135 7.28 -0.68 10.40
N LEU A 136 8.35 -1.15 11.04
CA LEU A 136 9.70 -0.91 10.55
C LEU A 136 9.92 -1.58 9.20
N GLY A 137 10.78 -0.95 8.39
CA GLY A 137 11.11 -1.41 7.07
C GLY A 137 10.23 -0.89 5.97
N GLN A 138 8.99 -0.50 6.29
CA GLN A 138 8.05 -0.13 5.23
C GLN A 138 8.45 1.15 4.50
N GLY A 139 8.84 2.18 5.24
CA GLY A 139 9.01 3.48 4.61
C GLY A 139 10.10 3.48 3.56
N ILE A 140 11.22 2.81 3.79
CA ILE A 140 12.27 2.78 2.77
C ILE A 140 11.75 2.11 1.50
N CYS A 141 10.95 1.05 1.65
CA CYS A 141 10.37 0.40 0.48
C CYS A 141 9.36 1.34 -0.19
N ASN A 142 8.53 2.04 0.61
CA ASN A 142 7.67 3.05 0.01
C ASN A 142 8.47 4.06 -0.78
N GLY A 143 9.62 4.48 -0.25
CA GLY A 143 10.49 5.41 -0.97
C GLY A 143 11.02 4.84 -2.28
N VAL A 144 11.36 3.55 -2.29
CA VAL A 144 11.68 2.88 -3.55
C VAL A 144 10.51 3.01 -4.54
N GLY A 145 9.28 2.79 -4.09
CA GLY A 145 8.12 2.92 -4.97
C GLY A 145 7.86 4.34 -5.44
N ILE A 146 8.03 5.32 -4.56
CA ILE A 146 7.90 6.72 -4.97
C ILE A 146 8.92 7.04 -6.06
N ALA A 147 10.15 6.58 -5.87
CA ALA A 147 11.22 6.79 -6.84
C ALA A 147 11.01 6.03 -8.13
N LEU A 148 10.48 4.81 -8.04
CA LEU A 148 10.16 4.04 -9.26
C LEU A 148 9.10 4.80 -10.05
N ALA A 149 8.01 5.21 -9.38
CA ALA A 149 6.98 5.98 -10.04
C ALA A 149 7.54 7.26 -10.65
N GLN A 150 8.39 8.00 -9.92
CA GLN A 150 8.92 9.23 -10.49
C GLN A 150 9.71 8.94 -11.76
N ALA A 151 10.49 7.86 -11.78
CA ALA A 151 11.27 7.54 -12.97
C ALA A 151 10.34 7.19 -14.13
N GLN A 152 9.27 6.42 -13.85
CA GLN A 152 8.35 6.01 -14.90
C GLN A 152 7.59 7.23 -15.42
N PHE A 153 7.17 8.09 -14.49
CA PHE A 153 6.41 9.30 -14.83
C PHE A 153 7.28 10.23 -15.68
N ALA A 154 8.51 10.48 -15.25
CA ALA A 154 9.43 11.34 -16.02
C ALA A 154 9.69 10.76 -17.39
N ALA A 155 9.87 9.44 -17.49
CA ALA A 155 10.11 8.84 -18.79
C ALA A 155 8.89 8.98 -19.69
N THR A 156 7.69 8.98 -19.11
CA THR A 156 6.44 9.08 -19.88
C THR A 156 6.20 10.49 -20.38
N TYR A 157 6.48 11.50 -19.56
CA TYR A 157 6.08 12.85 -19.88
C TYR A 157 7.22 13.80 -20.25
N ASN A 158 8.43 13.67 -19.72
CA ASN A 158 9.44 14.70 -19.97
C ASN A 158 9.80 14.76 -21.44
N LYS A 159 10.09 15.98 -21.89
CA LYS A 159 10.46 16.24 -23.27
C LYS A 159 11.64 17.21 -23.25
N PRO A 160 12.30 17.43 -24.38
CA PRO A 160 13.39 18.42 -24.41
C PRO A 160 12.83 19.79 -23.99
N ASP A 161 13.53 20.45 -23.06
CA ASP A 161 13.13 21.74 -22.50
C ASP A 161 11.92 21.64 -21.59
N PHE A 162 11.43 20.42 -21.29
CA PHE A 162 10.25 20.23 -20.45
C PHE A 162 10.55 19.16 -19.41
N PRO A 163 11.30 19.52 -18.37
CA PRO A 163 11.50 18.62 -17.21
C PRO A 163 10.28 18.69 -16.30
N ILE A 164 9.20 18.03 -16.76
CA ILE A 164 7.96 17.99 -16.01
C ILE A 164 8.19 17.33 -14.66
N SER A 165 8.99 16.27 -14.64
CA SER A 165 9.25 15.54 -13.41
C SER A 165 10.75 15.34 -13.25
N ASP A 166 11.32 15.87 -12.16
CA ASP A 166 12.76 15.74 -11.91
C ASP A 166 13.04 15.68 -10.42
N SER A 167 12.08 15.23 -9.65
CA SER A 167 12.15 15.28 -8.20
C SER A 167 12.87 14.10 -7.60
N TYR A 168 13.29 14.29 -6.36
CA TYR A 168 14.04 13.32 -5.59
C TYR A 168 13.16 12.72 -4.51
N THR A 169 13.61 11.59 -4.00
CA THR A 169 12.96 10.91 -2.90
C THR A 169 13.98 10.73 -1.77
N TYR A 170 13.73 11.37 -0.65
CA TYR A 170 14.63 11.34 0.50
C TYR A 170 14.02 10.48 1.58
N VAL A 171 14.78 9.54 2.12
CA VAL A 171 14.23 8.64 3.13
C VAL A 171 15.17 8.59 4.33
N PHE A 172 14.61 8.76 5.52
CA PHE A 172 15.36 8.46 6.74
C PHE A 172 14.99 7.08 7.22
N LEU A 173 15.99 6.32 7.69
CA LEU A 173 15.73 4.98 8.21
C LEU A 173 16.76 4.69 9.29
N GLY A 174 16.42 3.74 10.17
CA GLY A 174 17.31 3.34 11.24
C GLY A 174 17.73 1.90 11.17
N ASP A 175 18.38 1.48 12.25
CA ASP A 175 18.87 0.10 12.31
C ASP A 175 17.72 -0.89 12.20
N GLY A 176 16.57 -0.60 12.83
CA GLY A 176 15.42 -1.50 12.74
C GLY A 176 14.97 -1.74 11.32
N CYS A 177 14.86 -0.67 10.54
CA CYS A 177 14.46 -0.83 9.16
C CYS A 177 15.46 -1.69 8.41
N LEU A 178 16.77 -1.51 8.71
CA LEU A 178 17.82 -2.28 8.03
C LEU A 178 17.84 -3.74 8.44
N MET A 179 17.28 -4.09 9.58
CA MET A 179 17.19 -5.50 9.98
C MET A 179 15.99 -6.19 9.36
N GLU A 180 14.92 -5.44 9.04
CA GLU A 180 13.72 -6.07 8.49
C GLU A 180 13.98 -6.53 7.06
N GLY A 181 13.60 -7.77 6.76
CA GLY A 181 13.92 -8.31 5.44
C GLY A 181 13.28 -7.56 4.30
N VAL A 182 12.14 -6.93 4.55
CA VAL A 182 11.47 -6.23 3.46
C VAL A 182 12.39 -5.16 2.89
N SER A 183 13.19 -4.48 3.74
CA SER A 183 14.08 -3.46 3.23
C SER A 183 15.23 -4.02 2.41
N SER A 184 15.67 -5.23 2.71
CA SER A 184 16.68 -5.87 1.88
C SER A 184 16.12 -6.15 0.48
N GLU A 185 14.90 -6.70 0.43
CA GLU A 185 14.25 -6.95 -0.85
C GLU A 185 14.19 -5.67 -1.67
N ALA A 186 13.66 -4.58 -1.07
CA ALA A 186 13.50 -3.37 -1.87
C ALA A 186 14.81 -2.74 -2.21
N SER A 187 15.83 -2.87 -1.35
CA SER A 187 17.13 -2.27 -1.65
C SER A 187 17.85 -3.02 -2.76
N SER A 188 17.76 -4.35 -2.77
CA SER A 188 18.30 -5.12 -3.88
C SER A 188 17.62 -4.69 -5.19
N LEU A 189 16.29 -4.60 -5.18
CA LEU A 189 15.58 -4.22 -6.41
C LEU A 189 15.91 -2.80 -6.82
N ALA A 190 15.94 -1.86 -5.86
CA ALA A 190 16.26 -0.47 -6.21
C ALA A 190 17.63 -0.33 -6.83
N GLY A 191 18.62 -1.07 -6.31
CA GLY A 191 19.93 -1.05 -6.93
C GLY A 191 19.91 -1.64 -8.33
N HIS A 192 19.19 -2.73 -8.51
CA HIS A 192 19.05 -3.29 -9.85
C HIS A 192 18.40 -2.27 -10.81
N LEU A 193 17.43 -1.52 -10.34
CA LEU A 193 16.70 -0.56 -11.16
C LEU A 193 17.41 0.77 -11.29
N GLN A 194 18.58 0.94 -10.71
CA GLN A 194 19.46 2.09 -10.91
C GLN A 194 18.76 3.40 -10.57
N LEU A 195 18.00 3.41 -9.45
CA LEU A 195 17.12 4.54 -9.11
C LEU A 195 17.93 5.67 -8.48
N GLY A 196 18.54 6.47 -9.35
CA GLY A 196 19.47 7.52 -8.93
C GLY A 196 18.81 8.69 -8.26
N ASN A 197 17.48 8.81 -8.28
CA ASN A 197 16.83 9.91 -7.57
C ASN A 197 16.40 9.54 -6.15
N LEU A 198 16.74 8.33 -5.71
CA LEU A 198 16.52 7.90 -4.33
C LEU A 198 17.77 8.17 -3.51
N ILE A 199 17.59 8.88 -2.41
CA ILE A 199 18.68 9.21 -1.49
C ILE A 199 18.18 8.85 -0.09
N ALA A 200 18.74 7.80 0.49
CA ALA A 200 18.37 7.34 1.82
C ALA A 200 19.47 7.71 2.80
N PHE A 201 19.08 7.87 4.05
CA PHE A 201 20.00 8.27 5.11
C PHE A 201 19.81 7.31 6.27
N TRP A 202 20.87 6.60 6.61
CA TRP A 202 20.86 5.64 7.71
C TRP A 202 21.29 6.36 8.98
N ASP A 203 20.41 6.34 9.99
CA ASP A 203 20.72 6.86 11.31
C ASP A 203 21.60 5.82 12.02
N ASP A 204 22.91 5.97 11.83
CA ASP A 204 23.88 5.02 12.36
C ASP A 204 24.23 5.42 13.79
N ASN A 205 23.37 5.01 14.72
CA ASN A 205 23.55 5.37 16.12
C ASN A 205 23.83 4.18 17.00
N LYS A 206 23.90 2.98 16.45
CA LYS A 206 24.34 1.78 17.14
C LYS A 206 23.50 1.41 18.34
N ILE A 207 22.22 1.82 18.38
CA ILE A 207 21.32 1.57 19.50
C ILE A 207 19.96 1.18 18.97
N SER A 208 19.41 0.08 19.47
CA SER A 208 18.01 -0.28 19.26
C SER A 208 17.36 -0.59 20.61
N ILE A 209 16.15 -1.17 20.63
CA ILE A 209 15.46 -1.34 21.91
C ILE A 209 16.22 -2.27 22.83
N ASP A 210 16.81 -3.35 22.27
CA ASP A 210 17.52 -4.31 23.10
C ASP A 210 18.92 -3.87 23.44
N GLY A 211 19.29 -2.63 23.13
CA GLY A 211 20.58 -2.07 23.50
C GLY A 211 21.51 -1.88 22.33
N SER A 212 22.80 -2.09 22.53
CA SER A 212 23.76 -1.93 21.45
C SER A 212 23.41 -2.83 20.26
N THR A 213 23.61 -2.31 19.07
CA THR A 213 23.53 -3.18 17.90
C THR A 213 24.58 -4.28 17.93
N GLU A 214 25.59 -4.20 18.78
CA GLU A 214 26.51 -5.32 18.88
C GLU A 214 25.83 -6.62 19.31
N VAL A 215 24.65 -6.55 19.94
CA VAL A 215 24.01 -7.77 20.42
C VAL A 215 23.33 -8.56 19.29
N ALA A 216 23.04 -7.95 18.15
CA ALA A 216 22.26 -8.65 17.14
C ALA A 216 22.46 -8.15 15.72
N PHE A 217 23.25 -7.09 15.51
CA PHE A 217 23.28 -6.43 14.20
C PHE A 217 24.70 -5.93 13.96
N THR A 218 25.59 -6.89 13.64
CA THR A 218 27.00 -6.66 13.45
C THR A 218 27.47 -6.76 12.01
N GLU A 219 26.54 -6.92 11.08
CA GLU A 219 26.86 -6.97 9.66
C GLU A 219 27.48 -5.66 9.20
N ASP A 220 28.22 -5.73 8.10
CA ASP A 220 28.78 -4.52 7.47
C ASP A 220 27.72 -3.99 6.51
N VAL A 221 26.87 -3.10 7.02
CA VAL A 221 25.76 -2.53 6.25
C VAL A 221 26.26 -1.89 4.97
N ILE A 222 27.34 -1.11 5.06
CA ILE A 222 27.85 -0.39 3.90
C ILE A 222 28.29 -1.38 2.81
N ALA A 223 29.01 -2.44 3.20
CA ALA A 223 29.40 -3.43 2.21
C ALA A 223 28.16 -4.10 1.59
N ARG A 224 27.11 -4.33 2.37
CA ARG A 224 25.89 -4.92 1.83
C ARG A 224 25.25 -3.99 0.81
N TYR A 225 25.18 -2.69 1.13
CA TYR A 225 24.56 -1.78 0.18
C TYR A 225 25.39 -1.62 -1.07
N LYS A 226 26.74 -1.68 -0.96
CA LYS A 226 27.56 -1.71 -2.18
C LYS A 226 27.23 -2.95 -3.03
N SER A 227 26.98 -4.10 -2.37
CA SER A 227 26.68 -5.32 -3.13
C SER A 227 25.36 -5.21 -3.89
N TYR A 228 24.44 -4.36 -3.45
CA TYR A 228 23.20 -4.11 -4.19
C TYR A 228 23.39 -3.13 -5.33
N GLY A 229 24.55 -2.50 -5.44
CA GLY A 229 24.77 -1.47 -6.44
C GLY A 229 24.37 -0.07 -6.02
N TRP A 230 24.34 0.20 -4.71
CA TRP A 230 24.10 1.55 -4.24
C TRP A 230 25.41 2.31 -4.15
N HIS A 231 25.30 3.64 -4.29
CA HIS A 231 26.39 4.54 -3.97
C HIS A 231 26.35 4.84 -2.47
N ILE A 232 27.53 5.08 -1.87
CA ILE A 232 27.62 5.35 -0.45
C ILE A 232 28.29 6.69 -0.23
N VAL A 233 27.75 7.48 0.72
CA VAL A 233 28.48 8.62 1.29
C VAL A 233 28.45 8.44 2.80
N GLU A 234 29.60 8.61 3.46
CA GLU A 234 29.64 8.51 4.91
CA GLU A 234 29.64 8.51 4.91
C GLU A 234 29.87 9.89 5.52
N VAL A 235 29.06 10.23 6.51
CA VAL A 235 29.19 11.47 7.28
C VAL A 235 29.53 11.06 8.70
N SER A 236 30.79 11.24 9.06
CA SER A 236 31.25 10.67 10.33
C SER A 236 30.77 11.46 11.53
N ASP A 237 30.51 12.75 11.39
CA ASP A 237 30.00 13.56 12.51
C ASP A 237 28.66 14.18 12.14
N ALA A 238 27.63 13.36 12.06
CA ALA A 238 26.32 13.87 11.69
C ALA A 238 25.60 14.52 12.87
N ASP A 239 26.20 14.52 14.07
CA ASP A 239 25.63 15.29 15.15
C ASP A 239 25.76 16.80 14.93
N THR A 240 26.76 17.23 14.13
CA THR A 240 27.04 18.64 13.94
C THR A 240 27.28 19.05 12.48
N ASP A 241 27.74 18.14 11.62
CA ASP A 241 28.34 18.53 10.34
C ASP A 241 27.28 18.60 9.23
N ILE A 242 26.47 19.67 9.30
CA ILE A 242 25.45 19.87 8.27
C ILE A 242 26.09 20.22 6.94
N THR A 243 27.28 20.81 6.94
CA THR A 243 27.97 21.06 5.68
C THR A 243 28.22 19.74 4.96
N ALA A 244 28.68 18.72 5.69
CA ALA A 244 28.94 17.43 5.08
C ALA A 244 27.65 16.72 4.68
N ILE A 245 26.55 16.93 5.41
CA ILE A 245 25.28 16.31 5.02
C ILE A 245 24.78 16.93 3.73
N ALA A 246 24.84 18.26 3.63
CA ALA A 246 24.47 18.91 2.39
C ALA A 246 25.35 18.46 1.24
N ALA A 247 26.67 18.36 1.49
CA ALA A 247 27.59 17.91 0.43
C ALA A 247 27.30 16.47 0.00
N ALA A 248 26.84 15.64 0.94
CA ALA A 248 26.49 14.26 0.60
C ALA A 248 25.29 14.22 -0.33
N ILE A 249 24.32 15.11 -0.09
CA ILE A 249 23.18 15.23 -1.02
C ILE A 249 23.65 15.66 -2.40
N ASP A 250 24.50 16.68 -2.46
CA ASP A 250 25.03 17.12 -3.76
C ASP A 250 25.75 15.98 -4.46
N GLU A 251 26.57 15.19 -3.73
CA GLU A 251 27.28 14.08 -4.34
C GLU A 251 26.27 13.04 -4.84
N ALA A 252 25.27 12.73 -4.04
CA ALA A 252 24.28 11.72 -4.44
C ALA A 252 23.58 12.13 -5.74
N LYS A 253 23.30 13.44 -5.87
CA LYS A 253 22.62 13.90 -7.08
C LYS A 253 23.49 13.76 -8.32
N LYS A 254 24.81 13.75 -8.17
CA LYS A 254 25.66 13.52 -9.33
C LYS A 254 25.69 12.07 -9.77
N VAL A 255 25.30 11.12 -8.90
CA VAL A 255 25.36 9.70 -9.24
C VAL A 255 23.95 9.34 -9.73
N THR A 256 23.75 9.42 -11.06
CA THR A 256 22.39 9.36 -11.58
C THR A 256 21.92 7.95 -11.84
N ASN A 257 22.80 6.95 -11.70
CA ASN A 257 22.46 5.57 -12.02
C ASN A 257 22.55 4.66 -10.81
N LYS A 258 22.59 5.21 -9.59
CA LYS A 258 22.58 4.37 -8.39
C LYS A 258 21.80 5.11 -7.33
N PRO A 259 20.94 4.42 -6.56
CA PRO A 259 20.42 5.00 -5.32
C PRO A 259 21.58 5.17 -4.37
N THR A 260 21.49 6.16 -3.47
CA THR A 260 22.58 6.44 -2.55
C THR A 260 22.12 6.22 -1.13
N LEU A 261 23.00 5.60 -0.33
CA LEU A 261 22.83 5.51 1.11
C LEU A 261 23.87 6.43 1.76
N VAL A 262 23.37 7.37 2.56
CA VAL A 262 24.22 8.29 3.32
C VAL A 262 24.26 7.75 4.75
N ARG A 263 25.46 7.36 5.20
CA ARG A 263 25.62 6.89 6.57
C ARG A 263 25.76 8.12 7.46
N LEU A 264 24.79 8.32 8.35
CA LEU A 264 24.82 9.46 9.28
C LEU A 264 25.24 8.90 10.64
N THR A 265 26.51 9.08 11.02
CA THR A 265 26.92 8.59 12.33
C THR A 265 26.48 9.61 13.35
N THR A 266 25.52 9.20 14.17
CA THR A 266 24.90 10.10 15.15
C THR A 266 24.96 9.49 16.54
N THR A 267 24.70 10.34 17.51
CA THR A 267 24.46 9.91 18.87
C THR A 267 22.97 9.93 19.13
N ILE A 268 22.38 8.77 19.47
CA ILE A 268 20.96 8.78 19.79
C ILE A 268 20.75 9.69 21.00
N GLY A 269 19.71 10.51 20.96
CA GLY A 269 19.44 11.41 22.08
C GLY A 269 20.49 12.49 22.26
N PHE A 270 21.20 12.87 21.18
CA PHE A 270 22.29 13.83 21.28
C PHE A 270 21.90 15.03 22.14
N GLY A 271 22.74 15.30 23.12
CA GLY A 271 22.55 16.43 24.04
C GLY A 271 21.97 16.02 25.35
N SER A 272 21.16 14.96 25.37
CA SER A 272 20.60 14.46 26.62
C SER A 272 21.69 13.96 27.56
N LEU A 273 21.39 14.05 28.85
CA LEU A 273 22.24 13.38 29.84
C LEU A 273 22.33 11.89 29.53
N ALA A 274 21.27 11.34 28.95
CA ALA A 274 21.19 9.91 28.64
C ALA A 274 21.49 9.63 27.17
N GLN A 275 22.17 10.56 26.48
CA GLN A 275 22.49 10.30 25.08
C GLN A 275 23.29 9.01 24.95
N GLY A 276 23.12 8.32 23.82
CA GLY A 276 23.91 7.13 23.56
C GLY A 276 23.44 5.92 24.29
N THR A 277 22.21 5.90 24.79
CA THR A 277 21.67 4.77 25.54
C THR A 277 20.31 4.36 24.98
N HIS A 278 19.95 3.09 25.22
CA HIS A 278 18.63 2.62 24.79
C HIS A 278 17.49 3.30 25.53
N GLY A 279 17.76 3.80 26.73
CA GLY A 279 16.71 4.47 27.51
C GLY A 279 16.17 5.75 26.87
N VAL A 280 16.94 6.38 25.98
CA VAL A 280 16.45 7.57 25.28
C VAL A 280 15.73 7.24 23.99
N HIS A 281 15.71 5.96 23.59
CA HIS A 281 15.03 5.61 22.35
C HIS A 281 13.54 5.92 22.45
N GLY A 282 12.91 5.55 23.56
CA GLY A 282 11.47 5.29 23.56
C GLY A 282 10.66 5.77 24.73
N ALA A 283 11.22 6.66 25.51
CA ALA A 283 10.49 7.17 26.65
C ALA A 283 10.83 8.64 26.83
N PRO A 284 9.93 9.39 27.46
CA PRO A 284 10.20 10.80 27.71
C PRO A 284 11.47 11.03 28.54
N LEU A 285 12.13 12.16 28.26
CA LEU A 285 13.28 12.55 29.05
C LEU A 285 12.84 13.04 30.41
N LYS A 286 13.75 13.03 31.37
CA LYS A 286 13.48 13.60 32.68
C LYS A 286 13.41 15.13 32.57
N ALA A 287 12.63 15.75 33.46
CA ALA A 287 12.46 17.20 33.39
C ALA A 287 13.78 17.95 33.55
N ASP A 288 14.68 17.45 34.43
CA ASP A 288 15.95 18.16 34.61
C ASP A 288 16.86 18.01 33.38
N ASP A 289 16.72 16.89 32.66
CA ASP A 289 17.48 16.71 31.44
C ASP A 289 17.03 17.74 30.42
N ILE A 290 15.70 17.93 30.31
CA ILE A 290 15.20 18.93 29.37
C ILE A 290 15.69 20.31 29.72
N LYS A 291 15.78 20.65 31.01
CA LYS A 291 16.27 21.97 31.39
C LYS A 291 17.71 22.17 30.93
N GLN A 292 18.57 21.19 31.18
CA GLN A 292 19.98 21.36 30.77
C GLN A 292 20.13 21.39 29.24
N LEU A 293 19.26 20.69 28.50
CA LEU A 293 19.29 20.79 27.04
C LEU A 293 19.02 22.22 26.63
N LYS A 294 17.99 22.81 27.23
CA LYS A 294 17.63 24.17 26.83
C LYS A 294 18.74 25.14 27.15
N THR A 295 19.31 25.07 28.36
CA THR A 295 20.35 26.05 28.65
C THR A 295 21.61 25.86 27.80
N LYS A 296 22.02 24.62 27.55
CA LYS A 296 23.22 24.43 26.74
CA LYS A 296 23.18 24.35 26.71
C LYS A 296 23.05 24.98 25.33
N TRP A 297 21.82 25.08 24.85
CA TRP A 297 21.56 25.51 23.49
C TRP A 297 21.03 26.94 23.46
N GLY A 298 21.03 27.63 24.59
CA GLY A 298 20.63 29.04 24.58
C GLY A 298 19.14 29.31 24.69
N PHE A 299 18.34 28.31 25.04
CA PHE A 299 16.89 28.44 25.17
C PHE A 299 16.54 28.65 26.65
N ASN A 300 15.31 29.09 26.90
CA ASN A 300 14.86 29.33 28.25
C ASN A 300 14.35 28.01 28.83
N PRO A 301 14.98 27.48 29.89
CA PRO A 301 14.54 26.21 30.45
C PRO A 301 13.16 26.26 31.08
N GLU A 302 12.60 27.45 31.27
CA GLU A 302 11.23 27.60 31.76
C GLU A 302 10.20 27.57 30.65
N GLU A 303 10.63 27.52 29.39
CA GLU A 303 9.72 27.66 28.25
C GLU A 303 9.65 26.34 27.49
N SER A 304 8.45 26.00 27.03
CA SER A 304 8.25 24.86 26.15
CA SER A 304 8.30 24.87 26.13
C SER A 304 7.69 25.33 24.82
N PHE A 305 7.96 24.54 23.78
CA PHE A 305 7.46 24.78 22.41
C PHE A 305 7.91 26.13 21.87
N ALA A 306 9.16 26.53 22.17
CA ALA A 306 9.68 27.79 21.65
C ALA A 306 9.97 27.72 20.16
N VAL A 307 9.57 28.75 19.43
CA VAL A 307 9.91 28.82 18.03
C VAL A 307 10.52 30.20 17.79
N PRO A 308 11.83 30.32 17.76
CA PRO A 308 12.46 31.65 17.55
C PRO A 308 12.06 32.22 16.20
N ALA A 309 11.78 33.52 16.20
CA ALA A 309 11.32 34.16 14.97
C ALA A 309 12.38 34.11 13.88
N GLU A 310 13.66 34.10 14.24
CA GLU A 310 14.69 34.02 13.21
C GLU A 310 14.64 32.69 12.49
N VAL A 311 14.28 31.61 13.19
CA VAL A 311 14.14 30.32 12.56
C VAL A 311 12.97 30.34 11.60
N THR A 312 11.83 30.85 12.06
CA THR A 312 10.68 31.00 11.18
C THR A 312 11.05 31.81 9.94
N ALA A 313 11.78 32.92 10.12
CA ALA A 313 12.14 33.75 8.97
C ALA A 313 12.99 32.96 7.98
N SER A 314 13.99 32.23 8.47
CA SER A 314 14.88 31.48 7.58
C SER A 314 14.09 30.41 6.84
N TYR A 315 13.21 29.71 7.54
CA TYR A 315 12.45 28.66 6.92
C TYR A 315 11.44 29.23 5.92
N ASN A 316 10.87 30.39 6.27
CA ASN A 316 9.94 31.05 5.36
C ASN A 316 10.65 31.43 4.06
N GLU A 317 11.92 31.89 4.15
N GLU A 317 11.92 31.83 4.14
CA GLU A 317 12.68 32.21 2.95
CA GLU A 317 12.61 32.22 2.92
C GLU A 317 12.70 31.02 2.00
C GLU A 317 12.79 31.04 1.98
N HIS A 318 13.04 29.84 2.54
CA HIS A 318 13.12 28.65 1.71
C HIS A 318 11.75 28.28 1.13
N VAL A 319 10.67 28.43 1.92
CA VAL A 319 9.32 28.17 1.40
C VAL A 319 9.01 29.12 0.24
N ALA A 320 9.34 30.41 0.40
CA ALA A 320 9.04 31.37 -0.65
C ALA A 320 9.80 31.05 -1.92
N GLU A 321 11.06 30.63 -1.79
CA GLU A 321 11.83 30.20 -2.94
C GLU A 321 11.18 28.99 -3.60
N ASN A 322 10.80 28.00 -2.80
CA ASN A 322 10.14 26.83 -3.35
C ASN A 322 8.83 27.18 -4.03
N GLN A 323 8.07 28.12 -3.48
CA GLN A 323 6.82 28.52 -4.11
C GLN A 323 7.07 29.17 -5.45
N LYS A 324 8.16 29.95 -5.57
CA LYS A 324 8.49 30.51 -6.89
C LYS A 324 8.88 29.39 -7.87
N ILE A 325 9.58 28.36 -7.38
CA ILE A 325 9.88 27.21 -8.22
C ILE A 325 8.60 26.53 -8.69
N GLN A 326 7.61 26.32 -7.80
CA GLN A 326 6.36 25.71 -8.23
C GLN A 326 5.62 26.62 -9.20
N GLN A 327 5.66 27.92 -8.98
CA GLN A 327 5.00 28.84 -9.90
C GLN A 327 5.62 28.72 -11.29
N GLN A 328 6.94 28.63 -11.38
CA GLN A 328 7.58 28.42 -12.67
CA GLN A 328 7.59 28.41 -12.67
C GLN A 328 7.22 27.07 -13.27
N TRP A 329 7.14 26.03 -12.43
CA TRP A 329 6.71 24.74 -12.93
C TRP A 329 5.29 24.81 -13.51
N ASN A 330 4.39 25.55 -12.86
CA ASN A 330 3.05 25.68 -13.42
C ASN A 330 3.09 26.32 -14.81
N GLU A 331 3.98 27.31 -15.01
CA GLU A 331 4.10 27.90 -16.35
C GLU A 331 4.72 26.93 -17.32
N LEU A 332 5.70 26.14 -16.86
CA LEU A 332 6.27 25.10 -17.71
C LEU A 332 5.19 24.13 -18.15
N PHE A 333 4.33 23.72 -17.22
CA PHE A 333 3.23 22.80 -17.54
C PHE A 333 2.26 23.41 -18.54
N ALA A 334 1.95 24.71 -18.41
CA ALA A 334 1.09 25.34 -19.40
C ALA A 334 1.76 25.32 -20.77
N ALA A 335 3.06 25.60 -20.84
CA ALA A 335 3.77 25.58 -22.10
C ALA A 335 3.85 24.19 -22.68
N TYR A 336 3.99 23.20 -21.81
CA TYR A 336 4.00 21.80 -22.24
C TYR A 336 2.68 21.44 -22.91
N LYS A 337 1.56 21.89 -22.33
CA LYS A 337 0.26 21.58 -22.92
C LYS A 337 0.10 22.20 -24.29
N GLN A 338 0.76 23.32 -24.55
CA GLN A 338 0.74 23.89 -25.89
CA GLN A 338 0.70 23.84 -25.90
C GLN A 338 1.64 23.11 -26.84
N LYS A 339 2.83 22.76 -26.40
CA LYS A 339 3.77 22.10 -27.30
C LYS A 339 3.42 20.63 -27.55
N TYR A 340 2.85 19.95 -26.54
CA TYR A 340 2.52 18.53 -26.58
C TYR A 340 1.06 18.38 -26.19
N PRO A 341 0.14 18.68 -27.11
CA PRO A 341 -1.28 18.79 -26.70
C PRO A 341 -1.87 17.50 -26.16
N GLU A 342 -1.53 16.35 -26.74
CA GLU A 342 -2.13 15.10 -26.32
C GLU A 342 -1.56 14.66 -24.97
N LEU A 343 -0.23 14.72 -24.84
CA LEU A 343 0.38 14.32 -23.58
C LEU A 343 -0.02 15.29 -22.49
N GLY A 344 -0.13 16.58 -22.84
CA GLY A 344 -0.52 17.54 -21.83
C GLY A 344 -1.92 17.31 -21.31
N ALA A 345 -2.85 16.97 -22.18
CA ALA A 345 -4.20 16.69 -21.71
C ALA A 345 -4.24 15.43 -20.87
N GLU A 346 -3.44 14.43 -21.25
CA GLU A 346 -3.39 13.19 -20.46
C GLU A 346 -2.85 13.49 -19.07
N LEU A 347 -1.77 14.26 -19.02
CA LEU A 347 -1.19 14.60 -17.75
C LEU A 347 -2.18 15.40 -16.91
N GLN A 348 -2.86 16.38 -17.50
CA GLN A 348 -3.85 17.14 -16.75
C GLN A 348 -4.94 16.25 -16.19
N ARG A 349 -5.47 15.32 -17.01
CA ARG A 349 -6.52 14.41 -16.54
C ARG A 349 -6.01 13.62 -15.33
N ARG A 350 -4.78 13.08 -15.42
CA ARG A 350 -4.25 12.31 -14.31
C ARG A 350 -4.07 13.15 -13.06
N LEU A 351 -3.60 14.40 -13.20
CA LEU A 351 -3.44 15.26 -12.03
C LEU A 351 -4.76 15.67 -11.44
N ASP A 352 -5.83 15.63 -12.24
CA ASP A 352 -7.19 15.86 -11.74
C ASP A 352 -7.78 14.61 -11.09
N GLY A 353 -7.08 13.47 -11.14
CA GLY A 353 -7.57 12.27 -10.52
C GLY A 353 -8.65 11.54 -11.28
N LYS A 354 -8.78 11.79 -12.58
CA LYS A 354 -9.85 11.22 -13.38
C LYS A 354 -9.26 10.18 -14.33
N LEU A 355 -9.96 9.04 -14.44
CA LEU A 355 -9.64 8.06 -15.45
C LEU A 355 -10.12 8.54 -16.83
N PRO A 356 -9.60 7.97 -17.92
CA PRO A 356 -10.12 8.32 -19.25
C PRO A 356 -11.61 8.12 -19.32
N GLU A 357 -12.26 9.02 -20.05
CA GLU A 357 -13.69 8.91 -20.24
C GLU A 357 -14.05 7.59 -20.90
N ASN A 358 -15.02 6.89 -20.30
CA ASN A 358 -15.54 5.64 -20.83
C ASN A 358 -14.47 4.56 -20.93
N TRP A 359 -13.42 4.64 -20.09
CA TRP A 359 -12.36 3.64 -20.19
C TRP A 359 -12.94 2.24 -20.02
N ASP A 360 -14.01 2.12 -19.24
CA ASP A 360 -14.53 0.81 -18.88
C ASP A 360 -15.23 0.13 -20.06
N LYS A 361 -15.44 0.84 -21.15
CA LYS A 361 -15.98 0.17 -22.33
C LYS A 361 -14.97 -0.83 -22.90
N ALA A 362 -13.69 -0.74 -22.50
CA ALA A 362 -12.70 -1.71 -22.92
C ALA A 362 -12.79 -3.02 -22.12
N LEU A 363 -13.53 -3.04 -21.02
CA LEU A 363 -13.61 -4.29 -20.24
C LEU A 363 -14.30 -5.38 -21.04
N PRO A 364 -13.75 -6.57 -21.10
CA PRO A 364 -14.41 -7.67 -21.81
C PRO A 364 -15.72 -8.07 -21.14
N VAL A 365 -16.67 -8.47 -21.98
CA VAL A 365 -17.98 -8.97 -21.57
C VAL A 365 -18.17 -10.36 -22.18
N TYR A 366 -18.81 -11.24 -21.42
CA TYR A 366 -18.99 -12.64 -21.78
C TYR A 366 -20.45 -13.02 -21.71
N THR A 367 -20.77 -14.10 -22.40
CA THR A 367 -22.11 -14.67 -22.29
C THR A 367 -22.00 -16.13 -21.87
N PRO A 368 -23.12 -16.77 -21.51
CA PRO A 368 -23.03 -18.17 -21.12
C PRO A 368 -22.66 -19.09 -22.25
N ALA A 369 -22.71 -18.62 -23.51
CA ALA A 369 -22.28 -19.44 -24.63
C ALA A 369 -20.76 -19.48 -24.81
N ASP A 370 -20.03 -18.61 -24.12
CA ASP A 370 -18.59 -18.56 -24.26
C ASP A 370 -17.93 -19.69 -23.48
N ALA A 371 -16.70 -20.01 -23.88
CA ALA A 371 -15.95 -21.11 -23.28
C ALA A 371 -15.59 -20.84 -21.82
N ALA A 372 -15.39 -21.93 -21.09
CA ALA A 372 -14.83 -21.85 -19.74
C ALA A 372 -13.39 -21.35 -19.80
N VAL A 373 -13.02 -20.53 -18.82
CA VAL A 373 -11.71 -19.86 -18.76
C VAL A 373 -11.34 -19.77 -17.29
N ALA A 374 -10.06 -19.96 -16.95
CA ALA A 374 -9.60 -19.70 -15.59
C ALA A 374 -9.66 -18.20 -15.32
N THR A 375 -9.95 -17.81 -14.08
CA THR A 375 -10.01 -16.36 -13.86
C THR A 375 -8.61 -15.72 -13.91
N ARG A 376 -7.51 -16.49 -13.76
CA ARG A 376 -6.20 -15.87 -14.03
C ARG A 376 -6.09 -15.47 -15.50
N LYS A 377 -6.64 -16.28 -16.41
CA LYS A 377 -6.56 -15.96 -17.84
C LYS A 377 -7.52 -14.82 -18.18
N LEU A 378 -8.72 -14.82 -17.57
CA LEU A 378 -9.62 -13.70 -17.74
C LEU A 378 -8.95 -12.40 -17.31
N SER A 379 -8.22 -12.45 -16.19
CA SER A 379 -7.46 -11.30 -15.72
C SER A 379 -6.45 -10.84 -16.76
N GLU A 380 -5.67 -11.77 -17.32
CA GLU A 380 -4.73 -11.43 -18.39
C GLU A 380 -5.43 -10.70 -19.52
N ILE A 381 -6.59 -11.22 -19.90
CA ILE A 381 -7.33 -10.61 -21.00
C ILE A 381 -7.78 -9.21 -20.63
N VAL A 382 -8.31 -9.01 -19.42
CA VAL A 382 -8.67 -7.66 -19.00
C VAL A 382 -7.47 -6.73 -19.11
N LEU A 383 -6.34 -7.15 -18.51
CA LEU A 383 -5.15 -6.29 -18.52
C LEU A 383 -4.75 -5.94 -19.95
N SER A 384 -4.85 -6.92 -20.84
CA SER A 384 -4.47 -6.71 -22.23
CA SER A 384 -4.43 -6.66 -22.21
C SER A 384 -5.34 -5.65 -22.90
N LYS A 385 -6.60 -5.55 -22.48
CA LYS A 385 -7.51 -4.57 -23.06
C LYS A 385 -7.38 -3.19 -22.41
N ILE A 386 -7.14 -3.15 -21.11
CA ILE A 386 -7.19 -1.87 -20.41
C ILE A 386 -5.84 -1.17 -20.32
N ILE A 387 -4.73 -1.90 -20.28
CA ILE A 387 -3.42 -1.26 -20.25
C ILE A 387 -3.23 -0.29 -21.41
N PRO A 388 -3.56 -0.65 -22.66
CA PRO A 388 -3.36 0.33 -23.72
C PRO A 388 -4.27 1.54 -23.62
N GLU A 389 -5.36 1.43 -22.88
CA GLU A 389 -6.35 2.49 -22.77
C GLU A 389 -6.12 3.38 -21.57
N VAL A 390 -5.39 2.92 -20.56
CA VAL A 390 -5.27 3.65 -19.30
C VAL A 390 -3.79 3.75 -18.95
N PRO A 391 -3.10 4.83 -19.33
CA PRO A 391 -1.62 4.86 -19.20
C PRO A 391 -1.15 4.83 -17.77
N GLU A 392 -1.99 5.25 -16.83
CA GLU A 392 -1.57 5.23 -15.43
C GLU A 392 -1.63 3.83 -14.80
N ILE A 393 -2.02 2.80 -15.53
CA ILE A 393 -1.84 1.43 -15.04
C ILE A 393 -0.41 0.98 -15.30
N ILE A 394 0.29 0.58 -14.22
CA ILE A 394 1.56 -0.14 -14.33
C ILE A 394 1.48 -1.25 -13.29
N GLY A 395 2.31 -2.28 -13.45
CA GLY A 395 2.28 -3.35 -12.43
C GLY A 395 3.31 -4.38 -12.74
N GLY A 396 3.29 -5.47 -11.98
CA GLY A 396 4.31 -6.48 -12.18
C GLY A 396 3.93 -7.74 -11.44
N SER A 397 4.93 -8.63 -11.31
CA SER A 397 4.75 -9.89 -10.59
C SER A 397 6.03 -10.17 -9.83
N ALA A 398 5.85 -10.93 -8.75
CA ALA A 398 6.97 -11.39 -7.93
C ALA A 398 7.48 -12.73 -8.48
N ASP A 399 8.15 -12.67 -9.66
CA ASP A 399 8.72 -13.86 -10.31
C ASP A 399 7.67 -14.88 -10.69
N LEU A 400 6.44 -14.47 -10.98
CA LEU A 400 5.39 -15.40 -11.37
C LEU A 400 4.68 -14.90 -12.63
N THR A 401 5.38 -14.14 -13.47
CA THR A 401 4.72 -13.59 -14.67
C THR A 401 4.01 -14.65 -15.52
N PRO A 402 4.64 -15.77 -15.88
CA PRO A 402 3.92 -16.74 -16.75
C PRO A 402 2.89 -17.56 -16.01
N SER A 403 2.79 -17.45 -14.69
CA SER A 403 1.80 -18.18 -13.90
C SER A 403 0.65 -17.28 -13.50
N ASN A 404 0.94 -16.03 -13.10
CA ASN A 404 -0.12 -15.10 -12.77
C ASN A 404 -0.74 -14.50 -14.02
N LEU A 405 -0.02 -14.47 -15.12
CA LEU A 405 -0.49 -13.93 -16.41
C LEU A 405 -0.74 -12.42 -16.32
N THR A 406 0.23 -11.71 -15.75
CA THR A 406 0.11 -10.30 -15.38
C THR A 406 0.69 -9.35 -16.41
N LYS A 407 1.40 -9.83 -17.44
CA LYS A 407 1.99 -8.96 -18.43
C LYS A 407 1.17 -8.95 -19.72
N ALA A 408 0.81 -7.76 -20.20
CA ALA A 408 0.16 -7.67 -21.50
C ALA A 408 1.20 -7.85 -22.60
N LYS A 409 0.89 -8.71 -23.56
CA LYS A 409 1.82 -8.94 -24.68
C LYS A 409 2.13 -7.62 -25.37
N GLY A 410 3.41 -7.41 -25.71
CA GLY A 410 3.79 -6.23 -26.42
C GLY A 410 4.23 -5.08 -25.53
N THR A 411 4.03 -5.18 -24.23
CA THR A 411 4.55 -4.09 -23.43
C THR A 411 6.02 -4.29 -23.10
N VAL A 412 6.65 -3.19 -22.69
CA VAL A 412 8.06 -3.22 -22.34
C VAL A 412 8.21 -3.17 -20.83
N ASP A 413 9.21 -3.85 -20.35
CA ASP A 413 9.43 -3.85 -18.92
C ASP A 413 10.03 -2.54 -18.46
N PHE A 414 9.70 -2.18 -17.22
CA PHE A 414 10.35 -1.09 -16.54
C PHE A 414 11.74 -1.56 -16.10
N GLN A 415 12.77 -1.05 -16.76
CA GLN A 415 14.18 -1.34 -16.44
C GLN A 415 14.96 -0.11 -16.86
N PRO A 416 16.12 0.14 -16.24
CA PRO A 416 17.00 1.18 -16.82
C PRO A 416 17.43 0.77 -18.23
N ALA A 417 17.36 1.72 -19.14
CA ALA A 417 17.78 1.43 -20.51
C ALA A 417 19.20 0.90 -20.61
N ALA A 418 20.08 1.28 -19.68
CA ALA A 418 21.45 0.81 -19.71
C ALA A 418 21.53 -0.70 -19.68
N THR A 419 20.50 -1.37 -19.15
CA THR A 419 20.54 -2.83 -19.09
C THR A 419 20.20 -3.47 -20.43
N GLY A 420 19.54 -2.76 -21.33
CA GLY A 420 19.03 -3.37 -22.55
C GLY A 420 17.76 -4.19 -22.37
N LEU A 421 17.22 -4.26 -21.15
CA LEU A 421 16.13 -5.17 -20.85
C LEU A 421 14.77 -4.49 -20.75
N GLY A 422 14.73 -3.17 -20.97
CA GLY A 422 13.51 -2.41 -20.82
C GLY A 422 13.86 -0.94 -20.87
N ASP A 423 12.96 -0.12 -20.34
CA ASP A 423 13.21 1.32 -20.29
C ASP A 423 12.39 1.84 -19.12
N TYR A 424 12.75 3.03 -18.62
CA TYR A 424 11.92 3.58 -17.56
C TYR A 424 10.52 3.97 -18.03
N SER A 425 10.30 4.11 -19.35
CA SER A 425 8.93 4.30 -19.82
C SER A 425 8.13 3.02 -19.84
N GLY A 426 8.76 1.88 -19.49
CA GLY A 426 8.07 0.62 -19.48
C GLY A 426 6.96 0.57 -18.44
N ARG A 427 6.14 -0.48 -18.54
CA ARG A 427 4.94 -0.57 -17.72
C ARG A 427 4.84 -1.84 -16.91
N TYR A 428 5.82 -2.71 -17.03
CA TYR A 428 5.77 -4.01 -16.38
C TYR A 428 7.01 -4.19 -15.52
N ILE A 429 6.80 -4.49 -14.24
CA ILE A 429 7.89 -4.55 -13.26
C ILE A 429 8.20 -5.99 -12.89
N ARG A 430 9.48 -6.36 -13.05
CA ARG A 430 9.96 -7.69 -12.62
C ARG A 430 10.39 -7.54 -11.15
N TYR A 431 9.49 -7.86 -10.23
CA TYR A 431 9.80 -7.66 -8.81
C TYR A 431 10.77 -8.68 -8.27
N GLY A 432 10.95 -9.81 -8.97
CA GLY A 432 11.68 -10.92 -8.37
C GLY A 432 10.87 -11.56 -7.23
N VAL A 433 11.51 -12.44 -6.45
CA VAL A 433 10.78 -13.20 -5.44
C VAL A 433 10.74 -12.40 -4.14
N ARG A 434 9.92 -11.33 -4.18
CA ARG A 434 9.99 -10.24 -3.21
C ARG A 434 8.57 -9.74 -2.91
N GLU A 435 7.68 -10.62 -2.39
CA GLU A 435 6.29 -10.21 -2.23
C GLU A 435 6.14 -9.04 -1.30
N HIS A 436 6.83 -9.08 -0.15
CA HIS A 436 6.62 -8.04 0.84
C HIS A 436 7.07 -6.69 0.30
N ALA A 437 8.25 -6.64 -0.30
CA ALA A 437 8.71 -5.39 -0.89
C ALA A 437 7.80 -4.98 -2.04
N MET A 438 7.32 -5.92 -2.85
CA MET A 438 6.36 -5.55 -3.90
C MET A 438 5.16 -4.84 -3.28
N GLY A 439 4.61 -5.39 -2.20
CA GLY A 439 3.47 -4.73 -1.56
C GLY A 439 3.77 -3.32 -1.08
N ALA A 440 4.94 -3.10 -0.48
CA ALA A 440 5.28 -1.77 0.03
C ALA A 440 5.68 -0.83 -1.10
N ILE A 441 6.34 -1.34 -2.14
CA ILE A 441 6.62 -0.55 -3.34
C ILE A 441 5.33 -0.13 -4.00
N MET A 442 4.35 -1.03 -4.08
N MET A 442 4.33 -1.02 -4.11
CA MET A 442 3.03 -0.68 -4.60
CA MET A 442 3.03 -0.60 -4.65
C MET A 442 2.42 0.50 -3.85
C MET A 442 2.44 0.55 -3.86
N ASN A 443 2.58 0.52 -2.53
CA ASN A 443 2.06 1.61 -1.74
C ASN A 443 2.81 2.90 -2.09
N GLY A 444 4.14 2.86 -2.30
CA GLY A 444 4.86 4.04 -2.72
C GLY A 444 4.47 4.54 -4.10
N ILE A 445 4.22 3.63 -5.04
CA ILE A 445 3.77 4.07 -6.37
C ILE A 445 2.44 4.79 -6.25
N ALA A 446 1.51 4.25 -5.46
CA ALA A 446 0.23 4.91 -5.23
C ALA A 446 0.45 6.26 -4.56
N ALA A 447 1.36 6.32 -3.59
CA ALA A 447 1.64 7.56 -2.87
C ALA A 447 2.21 8.64 -3.78
N PHE A 448 2.94 8.25 -4.82
CA PHE A 448 3.45 9.25 -5.75
C PHE A 448 2.32 10.11 -6.27
N GLY A 449 1.18 9.48 -6.58
CA GLY A 449 0.03 10.22 -7.08
C GLY A 449 -0.13 10.06 -8.58
N ALA A 450 -0.53 11.14 -9.23
CA ALA A 450 -0.72 11.15 -10.68
C ALA A 450 -1.66 10.04 -11.16
N ASN A 451 -2.61 9.67 -10.30
CA ASN A 451 -3.62 8.68 -10.64
C ASN A 451 -3.03 7.29 -10.91
N TYR A 452 -1.80 6.98 -10.45
CA TYR A 452 -1.30 5.64 -10.71
C TYR A 452 -2.22 4.58 -10.12
N LYS A 453 -2.52 3.58 -10.95
CA LYS A 453 -3.34 2.43 -10.56
C LYS A 453 -2.44 1.23 -10.77
N ASN A 454 -1.80 0.75 -9.69
CA ASN A 454 -0.75 -0.21 -9.88
C ASN A 454 -1.06 -1.52 -9.21
N TYR A 455 -0.48 -2.58 -9.76
CA TYR A 455 -0.82 -3.92 -9.34
C TYR A 455 0.41 -4.80 -9.20
N GLY A 456 0.21 -5.91 -8.51
CA GLY A 456 1.32 -6.84 -8.24
C GLY A 456 0.77 -8.24 -8.16
N GLY A 457 1.40 -9.14 -8.90
CA GLY A 457 0.95 -10.53 -8.96
C GLY A 457 1.79 -11.46 -8.10
N THR A 458 1.09 -12.37 -7.43
CA THR A 458 1.74 -13.55 -6.84
C THR A 458 0.62 -14.58 -6.65
N PHE A 459 0.98 -15.75 -6.10
CA PHE A 459 -0.06 -16.68 -5.67
C PHE A 459 -0.74 -16.15 -4.42
N LEU A 460 -2.05 -16.37 -4.30
CA LEU A 460 -2.80 -15.87 -3.14
C LEU A 460 -2.12 -16.28 -1.84
N ASN A 461 -1.64 -17.53 -1.74
CA ASN A 461 -1.09 -17.95 -0.46
C ASN A 461 0.12 -17.16 -0.06
N PHE A 462 0.84 -16.57 -1.03
CA PHE A 462 2.05 -15.82 -0.74
C PHE A 462 1.81 -14.32 -0.63
N VAL A 463 0.57 -13.86 -0.85
CA VAL A 463 0.24 -12.49 -0.44
C VAL A 463 0.47 -12.38 1.04
N SER A 464 0.34 -13.49 1.77
CA SER A 464 0.55 -13.49 3.21
C SER A 464 1.97 -13.07 3.59
N TYR A 465 2.98 -13.34 2.72
CA TYR A 465 4.35 -12.87 2.98
C TYR A 465 4.42 -11.37 3.11
N ALA A 466 3.46 -10.68 2.50
CA ALA A 466 3.44 -9.23 2.41
C ALA A 466 2.40 -8.61 3.33
N ALA A 467 1.89 -9.35 4.32
CA ALA A 467 0.82 -8.84 5.17
C ALA A 467 1.17 -7.50 5.83
N GLY A 468 2.45 -7.28 6.20
CA GLY A 468 2.83 -6.01 6.82
C GLY A 468 2.49 -4.82 5.94
N ALA A 469 2.76 -4.93 4.64
CA ALA A 469 2.47 -3.88 3.68
C ALA A 469 1.00 -3.85 3.30
N VAL A 470 0.35 -5.01 3.15
CA VAL A 470 -1.05 -5.05 2.74
C VAL A 470 -1.92 -4.32 3.77
N ARG A 471 -1.64 -4.55 5.05
CA ARG A 471 -2.45 -3.88 6.06
C ARG A 471 -2.25 -2.38 5.96
N LEU A 472 -1.01 -1.94 5.67
CA LEU A 472 -0.76 -0.52 5.47
C LEU A 472 -1.44 0.03 4.23
N SER A 473 -1.63 -0.77 3.17
CA SER A 473 -2.44 -0.28 2.04
C SER A 473 -3.84 0.09 2.52
N ALA A 474 -4.41 -0.74 3.38
CA ALA A 474 -5.75 -0.52 3.90
C ALA A 474 -5.79 0.69 4.81
N LEU A 475 -4.86 0.79 5.75
CA LEU A 475 -4.85 1.92 6.69
C LEU A 475 -4.54 3.23 5.98
N SER A 476 -3.67 3.18 4.96
CA SER A 476 -3.25 4.36 4.20
C SER A 476 -4.24 4.73 3.10
N GLU A 477 -5.25 3.89 2.85
CA GLU A 477 -6.28 4.15 1.83
C GLU A 477 -5.68 4.28 0.44
N PHE A 478 -4.77 3.37 0.09
CA PHE A 478 -4.18 3.37 -1.23
C PHE A 478 -4.86 2.39 -2.16
N PRO A 479 -5.17 2.82 -3.38
CA PRO A 479 -5.84 1.94 -4.37
C PRO A 479 -4.80 1.12 -5.13
N ILE A 480 -4.22 0.15 -4.42
CA ILE A 480 -3.32 -0.81 -5.05
C ILE A 480 -4.11 -2.09 -5.28
N THR A 481 -3.57 -2.97 -6.13
CA THR A 481 -4.30 -4.19 -6.48
C THR A 481 -3.34 -5.39 -6.50
N TRP A 482 -3.68 -6.41 -5.75
CA TRP A 482 -2.99 -7.69 -5.81
C TRP A 482 -3.71 -8.59 -6.80
N VAL A 483 -2.95 -9.13 -7.75
CA VAL A 483 -3.47 -10.11 -8.72
C VAL A 483 -3.03 -11.46 -8.16
N ALA A 484 -3.91 -12.08 -7.38
CA ALA A 484 -3.56 -13.17 -6.48
C ALA A 484 -4.14 -14.46 -7.03
N THR A 485 -3.33 -15.12 -7.87
CA THR A 485 -3.83 -16.30 -8.58
C THR A 485 -3.63 -17.56 -7.74
N HIS A 486 -4.14 -18.67 -8.28
CA HIS A 486 -3.94 -19.97 -7.63
C HIS A 486 -4.60 -19.96 -6.25
N ASP A 487 -5.86 -19.57 -6.25
CA ASP A 487 -6.55 -19.17 -5.03
C ASP A 487 -6.92 -20.29 -4.09
N SER A 488 -6.81 -21.57 -4.46
CA SER A 488 -7.39 -22.59 -3.58
C SER A 488 -6.78 -23.93 -3.89
N ILE A 489 -7.32 -24.98 -3.25
CA ILE A 489 -7.00 -26.34 -3.63
C ILE A 489 -7.16 -26.60 -5.12
N GLY A 490 -7.92 -25.75 -5.83
CA GLY A 490 -8.01 -25.89 -7.29
C GLY A 490 -6.66 -25.80 -7.99
N LEU A 491 -5.60 -25.30 -7.32
CA LEU A 491 -4.28 -25.33 -7.96
C LEU A 491 -3.71 -26.73 -8.06
N GLY A 492 -4.16 -27.67 -7.24
CA GLY A 492 -3.76 -29.08 -7.39
C GLY A 492 -2.40 -29.45 -6.80
N GLU A 493 -1.48 -29.87 -7.68
CA GLU A 493 -0.33 -30.69 -7.26
C GLU A 493 0.68 -29.98 -6.37
N ASP A 494 0.81 -28.64 -6.46
CA ASP A 494 1.80 -28.01 -5.60
C ASP A 494 1.48 -28.24 -4.12
N GLY A 495 0.21 -28.50 -3.75
CA GLY A 495 -0.08 -29.03 -2.42
C GLY A 495 -0.28 -27.97 -1.35
N PRO A 496 -0.33 -28.44 -0.10
CA PRO A 496 -0.87 -27.60 1.00
C PRO A 496 0.01 -26.43 1.36
N THR A 497 1.31 -26.46 1.04
CA THR A 497 2.17 -25.30 1.25
C THR A 497 1.81 -24.13 0.35
N HIS A 498 1.06 -24.38 -0.72
CA HIS A 498 0.69 -23.37 -1.69
C HIS A 498 -0.81 -23.05 -1.67
N GLN A 499 -1.66 -23.85 -0.99
CA GLN A 499 -3.11 -23.75 -1.10
C GLN A 499 -3.70 -22.92 0.02
N PRO A 500 -4.24 -21.73 -0.28
CA PRO A 500 -4.86 -20.88 0.77
C PRO A 500 -6.01 -21.56 1.49
N ILE A 501 -6.07 -21.28 2.81
CA ILE A 501 -7.21 -21.68 3.65
C ILE A 501 -7.71 -20.47 4.41
N GLU A 502 -6.79 -19.82 5.10
CA GLU A 502 -7.08 -18.72 6.01
C GLU A 502 -7.02 -17.35 5.33
N THR A 503 -6.53 -17.31 4.10
CA THR A 503 -6.02 -16.05 3.52
C THR A 503 -7.13 -15.06 3.27
N LEU A 504 -8.25 -15.50 2.70
CA LEU A 504 -9.34 -14.55 2.47
C LEU A 504 -9.94 -14.08 3.78
N ALA A 505 -10.06 -14.97 4.79
CA ALA A 505 -10.59 -14.52 6.08
C ALA A 505 -9.71 -13.44 6.65
N HIS A 506 -8.39 -13.63 6.58
CA HIS A 506 -7.46 -12.67 7.12
C HIS A 506 -7.66 -11.29 6.51
N PHE A 507 -7.71 -11.23 5.16
CA PHE A 507 -7.81 -9.92 4.54
C PHE A 507 -9.22 -9.37 4.61
N ARG A 508 -10.27 -10.21 4.52
CA ARG A 508 -11.64 -9.72 4.73
C ARG A 508 -11.85 -9.15 6.13
N ALA A 509 -11.13 -9.69 7.13
CA ALA A 509 -11.24 -9.20 8.51
C ALA A 509 -10.44 -7.93 8.71
N THR A 510 -9.60 -7.57 7.75
CA THR A 510 -8.87 -6.31 7.85
C THR A 510 -9.80 -5.20 7.36
N PRO A 511 -9.92 -4.08 8.07
CA PRO A 511 -10.78 -3.00 7.55
C PRO A 511 -10.26 -2.50 6.20
N ASN A 512 -11.22 -2.15 5.34
CA ASN A 512 -10.89 -1.42 4.09
C ASN A 512 -10.06 -2.23 3.10
N ILE A 513 -10.37 -3.53 2.94
CA ILE A 513 -9.80 -4.30 1.83
C ILE A 513 -10.93 -4.94 1.05
N SER A 514 -11.06 -4.57 -0.22
N SER A 514 -10.98 -4.65 -0.25
CA SER A 514 -11.96 -5.29 -1.11
CA SER A 514 -11.94 -5.22 -1.17
C SER A 514 -11.25 -6.56 -1.51
C SER A 514 -11.33 -6.53 -1.70
N VAL A 515 -11.94 -7.69 -1.33
CA VAL A 515 -11.39 -9.00 -1.66
C VAL A 515 -12.34 -9.63 -2.67
N TRP A 516 -12.00 -9.46 -3.94
CA TRP A 516 -12.85 -9.95 -5.02
C TRP A 516 -12.45 -11.37 -5.34
N ARG A 517 -13.44 -12.23 -5.51
CA ARG A 517 -13.21 -13.63 -5.87
C ARG A 517 -14.15 -13.94 -7.01
N PRO A 518 -13.82 -13.47 -8.21
CA PRO A 518 -14.81 -13.52 -9.30
C PRO A 518 -15.03 -14.94 -9.79
N ALA A 519 -16.27 -15.22 -10.18
CA ALA A 519 -16.61 -16.57 -10.62
C ALA A 519 -16.40 -16.78 -12.10
N ASP A 520 -16.39 -15.73 -12.91
CA ASP A 520 -16.41 -15.92 -14.37
C ASP A 520 -15.95 -14.64 -15.03
N GLY A 521 -16.11 -14.59 -16.35
CA GLY A 521 -15.60 -13.45 -17.11
C GLY A 521 -16.26 -12.14 -16.75
N ASN A 522 -17.60 -12.12 -16.62
CA ASN A 522 -18.23 -10.84 -16.28
C ASN A 522 -17.83 -10.39 -14.88
N GLU A 523 -17.73 -11.32 -13.95
CA GLU A 523 -17.37 -10.90 -12.59
C GLU A 523 -15.92 -10.42 -12.54
N THR A 524 -15.04 -11.02 -13.36
CA THR A 524 -13.64 -10.58 -13.37
C THR A 524 -13.56 -9.15 -13.89
N SER A 525 -14.37 -8.81 -14.91
CA SER A 525 -14.38 -7.43 -15.38
C SER A 525 -14.92 -6.49 -14.33
N ALA A 526 -15.97 -6.89 -13.58
CA ALA A 526 -16.44 -6.06 -12.48
C ALA A 526 -15.36 -5.86 -11.42
N ALA A 527 -14.60 -6.91 -11.13
CA ALA A 527 -13.57 -6.79 -10.10
C ALA A 527 -12.52 -5.76 -10.54
N TYR A 528 -12.10 -5.81 -11.82
CA TYR A 528 -11.13 -4.81 -12.29
C TYR A 528 -11.74 -3.42 -12.39
N LYS A 529 -13.02 -3.31 -12.74
CA LYS A 529 -13.64 -1.99 -12.74
C LYS A 529 -13.54 -1.39 -11.36
N SER A 530 -13.82 -2.18 -10.32
CA SER A 530 -13.70 -1.70 -8.95
C SER A 530 -12.26 -1.35 -8.61
N ALA A 531 -11.32 -2.25 -8.97
CA ALA A 531 -9.93 -2.03 -8.57
C ALA A 531 -9.33 -0.78 -9.20
N ILE A 532 -9.64 -0.54 -10.48
CA ILE A 532 -9.06 0.60 -11.18
C ILE A 532 -9.77 1.91 -10.82
N GLU A 533 -11.08 1.86 -10.55
CA GLU A 533 -11.79 3.08 -10.13
C GLU A 533 -11.49 3.45 -8.70
N SER A 534 -10.97 2.52 -7.92
CA SER A 534 -10.73 2.81 -6.52
C SER A 534 -9.82 4.01 -6.34
N THR A 535 -10.15 4.82 -5.33
CA THR A 535 -9.25 5.86 -4.90
C THR A 535 -8.81 5.71 -3.46
N HIS A 536 -9.50 4.88 -2.64
CA HIS A 536 -9.15 4.82 -1.23
C HIS A 536 -9.17 3.41 -0.68
N THR A 537 -9.32 2.38 -1.53
CA THR A 537 -9.47 1.04 -0.99
C THR A 537 -8.60 0.06 -1.78
N PRO A 538 -7.65 -0.61 -1.12
CA PRO A 538 -6.89 -1.63 -1.85
C PRO A 538 -7.75 -2.84 -2.17
N HIS A 539 -7.35 -3.50 -3.26
CA HIS A 539 -8.07 -4.66 -3.78
C HIS A 539 -7.13 -5.86 -3.82
N ILE A 540 -7.70 -7.01 -3.47
CA ILE A 540 -7.08 -8.30 -3.72
C ILE A 540 -8.02 -9.06 -4.62
N LEU A 541 -7.50 -9.52 -5.77
N LEU A 541 -7.52 -9.47 -5.80
CA LEU A 541 -8.28 -10.27 -6.76
CA LEU A 541 -8.31 -10.28 -6.72
C LEU A 541 -7.85 -11.74 -6.65
C LEU A 541 -7.83 -11.71 -6.59
N ALA A 542 -8.71 -12.57 -6.04
CA ALA A 542 -8.40 -13.98 -5.85
C ALA A 542 -8.86 -14.73 -7.09
N LEU A 543 -7.90 -15.31 -7.83
CA LEU A 543 -8.13 -15.80 -9.18
C LEU A 543 -7.71 -17.25 -9.27
N THR A 544 -8.32 -17.99 -10.18
CA THR A 544 -8.13 -19.43 -10.25
C THR A 544 -7.02 -19.84 -11.21
N ARG A 545 -6.41 -20.99 -10.91
CA ARG A 545 -5.62 -21.71 -11.90
C ARG A 545 -6.50 -22.43 -12.90
N GLN A 546 -7.62 -23.01 -12.42
CA GLN A 546 -8.46 -23.93 -13.18
C GLN A 546 -9.59 -23.20 -13.90
N ASN A 547 -10.07 -23.82 -14.98
CA ASN A 547 -11.12 -23.22 -15.80
C ASN A 547 -12.47 -23.19 -15.06
N LEU A 548 -13.25 -22.13 -15.29
CA LEU A 548 -14.59 -22.03 -14.75
C LEU A 548 -15.55 -21.66 -15.87
N PRO A 549 -16.79 -22.16 -15.83
CA PRO A 549 -17.76 -21.82 -16.88
C PRO A 549 -18.26 -20.38 -16.78
N GLN A 550 -18.69 -19.83 -17.91
CA GLN A 550 -19.42 -18.57 -17.86
C GLN A 550 -20.81 -18.83 -17.31
N LEU A 551 -21.24 -18.01 -16.38
CA LEU A 551 -22.51 -18.24 -15.68
C LEU A 551 -23.72 -17.62 -16.34
N GLU A 552 -24.81 -18.38 -16.35
CA GLU A 552 -26.11 -17.81 -16.71
C GLU A 552 -26.52 -16.85 -15.60
N GLY A 553 -26.71 -15.58 -15.95
CA GLY A 553 -27.18 -14.59 -15.00
C GLY A 553 -26.11 -13.63 -14.50
N SER A 554 -24.84 -13.81 -14.85
CA SER A 554 -23.84 -12.85 -14.44
C SER A 554 -23.78 -11.66 -15.39
N SER A 555 -23.31 -10.52 -14.87
CA SER A 555 -23.08 -9.33 -15.68
C SER A 555 -22.14 -8.44 -14.89
N ILE A 556 -21.48 -7.52 -15.60
CA ILE A 556 -20.69 -6.52 -14.91
C ILE A 556 -21.59 -5.69 -14.00
N GLU A 557 -22.77 -5.30 -14.50
CA GLU A 557 -23.69 -4.48 -13.71
C GLU A 557 -24.02 -5.14 -12.38
N LYS A 558 -24.45 -6.41 -12.40
CA LYS A 558 -24.87 -7.03 -11.14
C LYS A 558 -23.67 -7.32 -10.26
N ALA A 559 -22.56 -7.76 -10.86
CA ALA A 559 -21.39 -8.11 -10.03
C ALA A 559 -20.78 -6.85 -9.41
N SER A 560 -21.00 -5.69 -10.01
N SER A 560 -21.02 -5.68 -10.01
CA SER A 560 -20.44 -4.49 -9.42
CA SER A 560 -20.49 -4.45 -9.44
C SER A 560 -21.13 -4.08 -8.12
C SER A 560 -21.10 -4.13 -8.08
N LYS A 561 -22.24 -4.73 -7.74
CA LYS A 561 -22.80 -4.49 -6.44
CA LYS A 561 -22.87 -4.59 -6.46
C LYS A 561 -22.19 -5.40 -5.37
N GLY A 562 -21.20 -6.21 -5.73
CA GLY A 562 -20.45 -6.99 -4.74
C GLY A 562 -21.12 -8.33 -4.41
N GLY A 563 -22.46 -8.35 -4.31
CA GLY A 563 -23.25 -9.53 -4.14
C GLY A 563 -24.53 -9.36 -4.92
N TYR A 564 -25.04 -10.43 -5.51
CA TYR A 564 -26.26 -10.31 -6.30
C TYR A 564 -26.92 -11.68 -6.42
N THR A 565 -28.21 -11.63 -6.73
CA THR A 565 -29.00 -12.83 -6.96
C THR A 565 -28.68 -13.35 -8.34
N LEU A 566 -28.01 -14.50 -8.42
CA LEU A 566 -27.66 -15.11 -9.69
C LEU A 566 -28.83 -15.92 -10.22
N VAL A 567 -29.43 -16.74 -9.38
CA VAL A 567 -30.61 -17.53 -9.71
C VAL A 567 -31.69 -17.21 -8.67
N GLN A 568 -32.76 -16.54 -9.12
CA GLN A 568 -33.87 -16.18 -8.27
C GLN A 568 -34.86 -17.33 -8.26
N GLN A 569 -35.30 -17.71 -7.06
CA GLN A 569 -36.29 -18.77 -6.87
C GLN A 569 -37.33 -18.23 -5.88
N ASP A 570 -38.52 -17.85 -6.38
CA ASP A 570 -39.54 -17.31 -5.47
C ASP A 570 -40.04 -18.28 -4.43
N LYS A 571 -39.96 -19.55 -4.67
CA LYS A 571 -40.43 -20.46 -3.62
C LYS A 571 -39.27 -21.22 -3.02
N ALA A 572 -38.16 -20.51 -2.79
CA ALA A 572 -36.93 -21.19 -2.38
C ALA A 572 -37.09 -21.87 -1.04
N ASP A 573 -36.64 -23.11 -0.97
CA ASP A 573 -36.47 -23.77 0.32
C ASP A 573 -35.13 -23.41 0.94
N ILE A 574 -34.18 -22.94 0.14
CA ILE A 574 -32.84 -22.58 0.60
C ILE A 574 -32.24 -21.65 -0.44
N ILE A 575 -31.34 -20.77 0.00
CA ILE A 575 -30.48 -20.01 -0.90
C ILE A 575 -29.05 -20.44 -0.62
N ILE A 576 -28.30 -20.71 -1.69
CA ILE A 576 -26.87 -21.01 -1.59
C ILE A 576 -26.11 -19.76 -2.00
N VAL A 577 -25.25 -19.27 -1.11
CA VAL A 577 -24.40 -18.11 -1.39
C VAL A 577 -22.98 -18.62 -1.57
N ALA A 578 -22.31 -18.19 -2.63
CA ALA A 578 -21.00 -18.72 -2.97
C ALA A 578 -20.16 -17.66 -3.64
N THR A 579 -18.87 -17.96 -3.78
CA THR A 579 -17.94 -17.09 -4.49
C THR A 579 -17.12 -17.89 -5.47
N GLY A 580 -16.55 -17.20 -6.46
CA GLY A 580 -15.48 -17.77 -7.25
C GLY A 580 -15.85 -19.11 -7.87
N SER A 581 -14.92 -20.06 -7.75
CA SER A 581 -15.10 -21.39 -8.28
C SER A 581 -16.30 -22.12 -7.68
N GLU A 582 -16.81 -21.70 -6.53
CA GLU A 582 -17.91 -22.43 -5.91
C GLU A 582 -19.28 -21.96 -6.40
N VAL A 583 -19.35 -20.89 -7.19
CA VAL A 583 -20.66 -20.46 -7.70
C VAL A 583 -21.18 -21.48 -8.71
N SER A 584 -20.31 -21.92 -9.63
CA SER A 584 -20.72 -22.95 -10.59
C SER A 584 -21.08 -24.24 -9.87
N LEU A 585 -20.36 -24.55 -8.79
CA LEU A 585 -20.69 -25.71 -7.97
C LEU A 585 -22.09 -25.58 -7.36
N ALA A 586 -22.42 -24.38 -6.85
CA ALA A 586 -23.76 -24.14 -6.31
C ALA A 586 -24.84 -24.32 -7.37
N VAL A 587 -24.60 -23.80 -8.57
CA VAL A 587 -25.55 -23.96 -9.68
C VAL A 587 -25.75 -25.43 -10.03
N ASP A 588 -24.67 -26.22 -10.03
CA ASP A 588 -24.82 -27.66 -10.27
C ASP A 588 -25.57 -28.34 -9.13
N ALA A 589 -25.33 -27.88 -7.90
CA ALA A 589 -26.04 -28.45 -6.76
C ALA A 589 -27.53 -28.14 -6.81
N LEU A 590 -27.91 -26.98 -7.33
CA LEU A 590 -29.32 -26.65 -7.50
C LEU A 590 -30.02 -27.73 -8.34
N LYS A 591 -29.37 -28.21 -9.39
CA LYS A 591 -29.98 -29.25 -10.21
C LYS A 591 -30.12 -30.56 -9.45
N VAL A 592 -29.11 -30.96 -8.66
CA VAL A 592 -29.26 -32.16 -7.85
C VAL A 592 -30.41 -32.01 -6.86
N LEU A 593 -30.52 -30.83 -6.23
CA LEU A 593 -31.58 -30.58 -5.26
C LEU A 593 -32.96 -30.65 -5.90
N GLU A 594 -33.09 -30.17 -7.13
CA GLU A 594 -34.38 -30.22 -7.80
C GLU A 594 -34.89 -31.67 -7.88
N GLY A 595 -34.00 -32.63 -8.14
CA GLY A 595 -34.38 -34.03 -8.17
C GLY A 595 -34.72 -34.62 -6.81
N GLN A 596 -34.35 -33.93 -5.73
CA GLN A 596 -34.70 -34.29 -4.38
C GLN A 596 -35.94 -33.55 -3.89
N GLY A 597 -36.58 -32.77 -4.76
CA GLY A 597 -37.74 -31.99 -4.38
C GLY A 597 -37.43 -30.72 -3.61
N ILE A 598 -36.23 -30.19 -3.72
CA ILE A 598 -35.81 -28.98 -3.01
C ILE A 598 -35.51 -27.90 -4.03
N LYS A 599 -36.12 -26.73 -3.84
CA LYS A 599 -35.91 -25.58 -4.71
C LYS A 599 -34.90 -24.64 -4.06
N ALA A 600 -33.83 -24.33 -4.79
CA ALA A 600 -32.79 -23.44 -4.30
C ALA A 600 -32.64 -22.20 -5.18
N GLY A 601 -32.30 -21.10 -4.53
CA GLY A 601 -31.76 -19.94 -5.24
C GLY A 601 -30.23 -19.93 -5.08
N VAL A 602 -29.56 -19.12 -5.92
CA VAL A 602 -28.11 -18.93 -5.82
C VAL A 602 -27.79 -17.45 -5.76
N VAL A 603 -26.94 -17.08 -4.81
CA VAL A 603 -26.34 -15.76 -4.70
C VAL A 603 -24.85 -15.87 -4.98
N SER A 604 -24.31 -14.95 -5.82
CA SER A 604 -22.89 -14.83 -6.01
C SER A 604 -22.41 -13.61 -5.24
N LEU A 605 -21.35 -13.79 -4.46
CA LEU A 605 -20.83 -12.73 -3.60
C LEU A 605 -19.38 -12.39 -3.92
N PRO A 606 -19.12 -11.86 -5.12
CA PRO A 606 -17.71 -11.64 -5.51
C PRO A 606 -16.92 -10.70 -4.62
N ASP A 607 -17.53 -9.72 -3.95
CA ASP A 607 -16.77 -8.93 -2.98
C ASP A 607 -17.65 -8.60 -1.80
N GLN A 608 -17.28 -9.12 -0.63
CA GLN A 608 -18.06 -8.87 0.57
C GLN A 608 -18.03 -7.39 0.96
N LEU A 609 -16.87 -6.71 0.80
CA LEU A 609 -16.84 -5.29 1.20
C LEU A 609 -17.80 -4.45 0.35
N THR A 610 -17.71 -4.59 -0.98
CA THR A 610 -18.62 -3.88 -1.87
C THR A 610 -20.07 -4.19 -1.53
N PHE A 611 -20.38 -5.46 -1.30
CA PHE A 611 -21.74 -5.82 -0.92
C PHE A 611 -22.17 -5.10 0.37
N ASP A 612 -21.31 -5.13 1.37
CA ASP A 612 -21.66 -4.54 2.67
C ASP A 612 -21.99 -3.07 2.53
N LYS A 613 -21.37 -2.39 1.55
CA LYS A 613 -21.62 -0.97 1.33
C LYS A 613 -22.89 -0.66 0.56
N GLN A 614 -23.60 -1.66 0.05
CA GLN A 614 -24.87 -1.40 -0.61
C GLN A 614 -25.94 -1.04 0.42
N SER A 615 -27.08 -0.53 -0.04
CA SER A 615 -28.17 -0.19 0.85
C SER A 615 -28.70 -1.42 1.54
N GLU A 616 -29.31 -1.17 2.71
CA GLU A 616 -29.89 -2.27 3.47
C GLU A 616 -30.98 -2.96 2.68
N GLU A 617 -31.79 -2.18 1.93
CA GLU A 617 -32.83 -2.84 1.17
C GLU A 617 -32.25 -3.68 0.03
N TYR A 618 -31.19 -3.19 -0.65
CA TYR A 618 -30.58 -4.00 -1.68
C TYR A 618 -30.06 -5.30 -1.08
N LYS A 619 -29.36 -5.19 0.04
CA LYS A 619 -28.77 -6.38 0.63
C LYS A 619 -29.85 -7.39 1.02
N LEU A 620 -30.96 -6.92 1.63
CA LEU A 620 -32.04 -7.81 2.00
C LEU A 620 -32.72 -8.43 0.77
N SER A 621 -32.70 -7.74 -0.40
CA SER A 621 -33.24 -8.37 -1.62
C SER A 621 -32.40 -9.55 -2.05
N VAL A 622 -31.11 -9.57 -1.68
CA VAL A 622 -30.22 -10.67 -2.03
C VAL A 622 -30.28 -11.78 -0.97
N LEU A 623 -30.32 -11.39 0.31
CA LEU A 623 -30.35 -12.32 1.43
C LEU A 623 -31.61 -12.01 2.25
N PRO A 624 -32.77 -12.45 1.80
CA PRO A 624 -34.03 -12.11 2.48
C PRO A 624 -34.25 -12.89 3.76
N ASP A 625 -35.23 -12.43 4.55
CA ASP A 625 -35.76 -13.18 5.68
C ASP A 625 -36.55 -14.39 5.18
N GLY A 626 -36.76 -15.36 6.07
CA GLY A 626 -37.73 -16.41 5.77
C GLY A 626 -37.19 -17.60 4.99
N VAL A 627 -35.88 -17.69 4.80
CA VAL A 627 -35.30 -18.78 4.02
C VAL A 627 -33.92 -19.13 4.56
N PRO A 628 -33.63 -20.41 4.83
CA PRO A 628 -32.27 -20.75 5.24
C PRO A 628 -31.27 -20.44 4.13
N ILE A 629 -30.08 -19.99 4.54
CA ILE A 629 -29.00 -19.66 3.63
C ILE A 629 -27.75 -20.46 3.98
N LEU A 630 -27.19 -21.13 2.99
CA LEU A 630 -25.97 -21.95 3.13
C LEU A 630 -24.86 -21.30 2.30
N SER A 631 -23.71 -21.02 2.93
CA SER A 631 -22.55 -20.56 2.16
C SER A 631 -21.68 -21.72 1.70
N VAL A 632 -21.04 -21.53 0.53
CA VAL A 632 -20.11 -22.50 -0.04
C VAL A 632 -18.88 -21.78 -0.59
N GLU A 633 -17.71 -22.05 -0.01
CA GLU A 633 -16.45 -21.48 -0.45
C GLU A 633 -15.36 -22.40 0.07
N VAL A 634 -14.40 -22.80 -0.79
CA VAL A 634 -13.48 -23.88 -0.42
C VAL A 634 -12.29 -23.39 0.39
N MET A 635 -12.58 -22.63 1.43
CA MET A 635 -11.59 -22.06 2.33
CA MET A 635 -11.54 -22.22 2.39
C MET A 635 -12.28 -21.82 3.66
N SER A 636 -11.61 -21.08 4.54
CA SER A 636 -12.15 -20.90 5.88
C SER A 636 -13.61 -20.45 5.88
N THR A 637 -14.37 -20.94 6.86
CA THR A 637 -15.72 -20.45 7.08
C THR A 637 -15.78 -19.13 7.85
N PHE A 638 -14.65 -18.60 8.34
CA PHE A 638 -14.72 -17.36 9.10
C PHE A 638 -15.30 -16.24 8.25
N GLY A 639 -16.14 -15.42 8.87
CA GLY A 639 -16.81 -14.30 8.24
C GLY A 639 -18.13 -14.67 7.60
N TRP A 640 -18.31 -15.95 7.22
CA TRP A 640 -19.45 -16.30 6.40
C TRP A 640 -20.81 -16.21 7.10
N SER A 641 -20.84 -16.29 8.41
CA SER A 641 -22.09 -16.13 9.15
C SER A 641 -22.69 -14.73 9.00
N LYS A 642 -21.93 -13.76 8.49
CA LYS A 642 -22.53 -12.48 8.16
C LYS A 642 -23.61 -12.65 7.10
N TYR A 643 -23.51 -13.69 6.29
CA TYR A 643 -24.32 -13.82 5.08
C TYR A 643 -25.10 -15.11 5.03
N SER A 644 -24.95 -16.00 6.03
CA SER A 644 -25.52 -17.33 5.92
C SER A 644 -25.82 -17.86 7.30
N HIS A 645 -26.74 -18.84 7.34
CA HIS A 645 -27.07 -19.57 8.57
C HIS A 645 -26.14 -20.75 8.81
N GLN A 646 -25.75 -21.43 7.73
CA GLN A 646 -24.86 -22.59 7.80
C GLN A 646 -23.76 -22.36 6.78
N GLN A 647 -22.57 -22.91 7.03
CA GLN A 647 -21.39 -22.67 6.21
C GLN A 647 -20.71 -23.97 5.83
N PHE A 648 -20.54 -24.20 4.53
CA PHE A 648 -19.74 -25.29 4.01
C PHE A 648 -18.42 -24.71 3.51
N GLY A 649 -17.35 -24.98 4.23
CA GLY A 649 -16.04 -24.49 3.87
C GLY A 649 -14.99 -25.52 4.13
N LEU A 650 -13.73 -25.11 4.02
CA LEU A 650 -12.56 -25.99 4.22
C LEU A 650 -11.71 -25.37 5.31
N ASN A 651 -11.69 -26.00 6.48
CA ASN A 651 -11.03 -25.48 7.67
C ASN A 651 -9.83 -26.33 8.08
N ARG A 652 -9.27 -27.06 7.13
CA ARG A 652 -8.07 -27.87 7.32
C ARG A 652 -7.16 -27.58 6.12
N PHE A 653 -5.88 -27.92 6.24
CA PHE A 653 -4.94 -27.78 5.13
C PHE A 653 -5.30 -28.69 3.96
N GLY A 654 -4.77 -28.33 2.80
CA GLY A 654 -5.06 -29.05 1.57
C GLY A 654 -4.27 -30.32 1.38
N ALA A 655 -3.93 -30.60 0.11
CA ALA A 655 -3.34 -31.89 -0.24
C ALA A 655 -2.64 -31.72 -1.58
N SER A 656 -1.64 -32.55 -1.83
CA SER A 656 -0.95 -32.57 -3.13
C SER A 656 -1.55 -33.64 -4.03
N GLY A 657 -2.23 -33.22 -5.09
CA GLY A 657 -2.84 -34.18 -6.01
C GLY A 657 -3.53 -33.39 -7.11
N LYS A 658 -4.09 -34.10 -8.08
CA LYS A 658 -4.86 -33.43 -9.12
C LYS A 658 -6.06 -32.74 -8.52
N ALA A 659 -6.29 -31.48 -8.91
CA ALA A 659 -7.32 -30.69 -8.24
C ALA A 659 -8.69 -31.34 -8.18
N PRO A 660 -9.24 -31.94 -9.25
CA PRO A 660 -10.59 -32.53 -9.12
C PRO A 660 -10.65 -33.61 -8.08
N GLU A 661 -9.54 -34.34 -7.86
CA GLU A 661 -9.55 -35.36 -6.83
C GLU A 661 -9.58 -34.74 -5.45
N ILE A 662 -8.93 -33.58 -5.29
CA ILE A 662 -8.99 -32.91 -3.98
C ILE A 662 -10.39 -32.41 -3.68
N PHE A 663 -11.05 -31.79 -4.68
CA PHE A 663 -12.43 -31.37 -4.46
C PHE A 663 -13.31 -32.54 -4.07
N LYS A 664 -13.13 -33.70 -4.75
CA LYS A 664 -13.93 -34.86 -4.41
C LYS A 664 -13.64 -35.34 -3.00
N LEU A 665 -12.35 -35.36 -2.61
CA LEU A 665 -11.98 -35.81 -1.26
C LEU A 665 -12.70 -34.99 -0.19
N PHE A 666 -12.81 -33.67 -0.39
CA PHE A 666 -13.43 -32.80 0.60
C PHE A 666 -14.91 -32.59 0.36
N GLU A 667 -15.50 -33.31 -0.60
CA GLU A 667 -16.94 -33.34 -0.88
C GLU A 667 -17.45 -32.02 -1.42
N PHE A 668 -16.55 -31.21 -1.99
CA PHE A 668 -16.96 -30.03 -2.75
C PHE A 668 -17.35 -30.46 -4.15
N THR A 669 -18.50 -31.14 -4.21
CA THR A 669 -19.10 -31.69 -5.41
C THR A 669 -20.57 -31.30 -5.43
N PRO A 670 -21.24 -31.38 -6.57
CA PRO A 670 -22.67 -31.05 -6.55
C PRO A 670 -23.46 -31.87 -5.55
N GLU A 671 -23.14 -33.16 -5.42
CA GLU A 671 -23.85 -34.01 -4.47
C GLU A 671 -23.49 -33.66 -3.03
N GLY A 672 -22.23 -33.29 -2.78
CA GLY A 672 -21.84 -32.92 -1.43
C GLY A 672 -22.49 -31.63 -0.98
N VAL A 673 -22.57 -30.64 -1.89
CA VAL A 673 -23.27 -29.40 -1.58
C VAL A 673 -24.75 -29.67 -1.40
N ALA A 674 -25.35 -30.47 -2.28
CA ALA A 674 -26.77 -30.77 -2.15
C ALA A 674 -27.08 -31.46 -0.83
N GLU A 675 -26.22 -32.38 -0.41
CA GLU A 675 -26.46 -33.10 0.85
C GLU A 675 -26.50 -32.13 2.02
N ARG A 676 -25.56 -31.17 2.05
CA ARG A 676 -25.54 -30.20 3.13
C ARG A 676 -26.68 -29.21 3.03
N ALA A 677 -27.08 -28.87 1.81
CA ALA A 677 -28.28 -28.04 1.63
C ALA A 677 -29.54 -28.74 2.13
N ALA A 678 -29.70 -30.03 1.83
CA ALA A 678 -30.87 -30.76 2.31
C ALA A 678 -30.87 -30.83 3.82
N LYS A 679 -29.68 -31.07 4.40
CA LYS A 679 -29.61 -31.09 5.86
C LYS A 679 -29.92 -29.74 6.44
N THR A 680 -29.55 -28.66 5.75
CA THR A 680 -29.88 -27.33 6.24
C THR A 680 -31.40 -27.10 6.20
N VAL A 681 -32.06 -27.47 5.09
CA VAL A 681 -33.53 -27.36 5.03
C VAL A 681 -34.16 -28.13 6.19
N ALA A 682 -33.67 -29.35 6.46
CA ALA A 682 -34.28 -30.16 7.53
C ALA A 682 -34.02 -29.54 8.90
N PHE A 683 -32.84 -28.94 9.10
CA PHE A 683 -32.48 -28.35 10.39
C PHE A 683 -33.37 -27.17 10.74
N TYR A 684 -33.89 -26.46 9.74
CA TYR A 684 -34.75 -25.32 9.97
C TYR A 684 -36.24 -25.62 9.87
N LYS A 685 -36.64 -26.85 9.61
CA LYS A 685 -38.06 -27.20 9.61
C LYS A 685 -38.69 -26.83 10.95
N GLY A 686 -39.80 -26.10 10.88
CA GLY A 686 -40.46 -25.68 12.11
C GLY A 686 -39.84 -24.51 12.82
N LYS A 687 -38.81 -23.89 12.25
CA LYS A 687 -38.15 -22.75 12.86
C LYS A 687 -38.47 -21.51 12.05
N ASP A 688 -38.49 -20.37 12.74
CA ASP A 688 -38.59 -19.07 12.08
C ASP A 688 -37.17 -18.59 11.78
N VAL A 689 -36.94 -18.23 10.52
CA VAL A 689 -35.61 -17.90 10.04
C VAL A 689 -35.64 -16.44 9.59
N VAL A 690 -34.69 -15.63 10.08
CA VAL A 690 -34.56 -14.26 9.56
C VAL A 690 -33.20 -14.11 8.90
N SER A 691 -33.08 -13.09 8.08
CA SER A 691 -31.87 -12.92 7.31
C SER A 691 -30.63 -12.88 8.21
N PRO A 692 -29.51 -13.45 7.77
CA PRO A 692 -28.24 -13.24 8.50
C PRO A 692 -27.86 -11.78 8.60
N LEU A 693 -28.42 -10.95 7.75
CA LEU A 693 -28.12 -9.52 7.80
C LEU A 693 -28.76 -8.84 9.01
N ARG A 694 -29.76 -9.46 9.64
CA ARG A 694 -30.36 -8.83 10.81
C ARG A 694 -29.41 -8.97 11.98
N SER A 695 -29.48 -8.03 12.92
CA SER A 695 -28.70 -8.13 14.14
C SER A 695 -29.40 -7.35 15.24
N ALA A 696 -28.94 -7.58 16.47
CA ALA A 696 -29.57 -6.96 17.62
C ALA A 696 -29.08 -5.54 17.83
N PHE A 697 -27.93 -5.19 17.27
CA PHE A 697 -27.33 -3.89 17.47
C PHE A 697 -26.31 -3.66 16.36
CA CA B . 19.28 2.70 16.02
C1 PEG C . 13.19 11.38 -18.54
O1 PEG C . 14.54 11.56 -18.19
C2 PEG C . 13.07 11.42 -20.05
O2 PEG C . 13.37 12.73 -20.48
C3 PEG C . 13.16 12.89 -21.86
C4 PEG C . 13.58 14.31 -22.25
O4 PEG C . 14.94 14.41 -21.89
C1 PEG D . 33.50 3.52 1.33
O1 PEG D . 33.49 2.71 2.48
C2 PEG D . 32.26 4.39 1.24
O2 PEG D . 32.22 5.05 -0.03
C3 PEG D . 31.96 4.21 -1.16
C4 PEG D . 31.41 4.78 -2.51
O4 PEG D . 30.21 4.11 -3.06
C1 PEG E . -9.63 -29.07 -11.84
O1 PEG E . -8.61 -28.65 -12.70
C2 PEG E . -10.22 -28.01 -10.90
O2 PEG E . -11.17 -28.56 -10.01
C3 PEG E . -12.38 -28.95 -10.62
C4 PEG E . -13.08 -30.03 -9.78
O4 PEG E . -14.22 -29.53 -9.15
C1 PEG F . -4.32 19.41 -10.76
O1 PEG F . -5.09 19.66 -9.61
C2 PEG F . -3.12 20.35 -10.79
O2 PEG F . -2.77 20.57 -12.12
C3 PEG F . -1.69 21.46 -12.30
C4 PEG F . -2.05 22.82 -11.74
O4 PEG F . -1.54 23.82 -12.56
C1 PEG G . 26.13 -5.05 -7.70
O1 PEG G . 27.35 -4.40 -7.51
C2 PEG G . 26.22 -5.82 -9.00
O2 PEG G . 25.55 -4.98 -9.87
C3 PEG G . 25.83 -5.06 -11.26
C4 PEG G . 25.80 -3.62 -11.79
O4 PEG G . 25.32 -3.52 -13.09
C1 PEG H . -10.18 -37.69 4.62
O1 PEG H . -8.78 -37.65 4.74
C2 PEG H . -10.76 -36.27 4.52
O2 PEG H . -12.09 -36.35 4.08
C3 PEG H . -12.79 -35.14 4.02
C4 PEG H . -14.30 -35.38 4.23
O4 PEG H . -15.04 -34.21 3.92
C1 PEG I . 3.28 28.58 -5.49
O1 PEG I . 2.93 29.90 -5.11
C2 PEG I . 2.48 28.23 -6.73
O2 PEG I . 1.33 27.54 -6.33
C3 PEG I . 0.93 26.70 -7.35
C4 PEG I . -0.58 26.45 -7.31
O4 PEG I . -0.84 25.48 -8.28
C4' 8N9 J . 8.06 -2.03 14.95
C5' 8N9 J . 8.62 -2.81 15.99
C6' 8N9 J . 8.86 -4.11 15.67
N1' 8N9 J . 8.64 -4.56 14.45
N3' 8N9 J . 7.84 -2.50 13.71
C2' 8N9 J . 8.10 -3.76 13.53
C9 8N9 J . 7.99 2.20 17.91
C8 8N9 J . 8.21 0.71 17.86
CM2 8N9 J . 7.83 -4.39 12.17
C7' 8N9 J . 8.81 -2.31 17.43
C7 8N9 J . 13.97 0.41 16.29
C6 8N9 J . 13.43 -0.25 17.51
C5 8N9 J . 11.88 -0.31 17.66
CM4 8N9 J . 11.71 -2.87 17.57
C4 8N9 J . 11.21 -1.57 17.39
C2 8N9 J . 9.46 0.22 17.36
N4' 8N9 J . 7.71 -0.68 15.13
N3 8N9 J . 9.81 -1.29 17.59
O9 8N9 J . 7.59 2.09 16.58
O8 8N9 J . 7.13 -0.07 18.31
OB1 8N9 J . 16.73 3.15 18.47
OB2 8N9 J . 15.41 4.99 17.71
OA3 8N9 J . 15.55 3.05 16.27
OA2 8N9 J . 17.46 1.52 15.56
OB3 8N9 J . 17.61 4.48 16.63
O7 8N9 J . 15.39 0.55 16.56
OA1 8N9 J . 15.34 1.67 14.22
PB 8N9 J . 16.37 4.02 17.22
PA1 8N9 J . 15.99 1.68 15.56
S1 8N9 J . 10.92 1.07 17.45
C1 E4P K . 9.06 1.65 21.31
O1 E4P K . 9.67 1.71 20.37
C2 E4P K . 7.70 1.02 21.16
O2 E4P K . 6.86 2.14 20.95
C3 E4P K . 7.81 0.44 22.53
O3 E4P K . 8.50 -0.78 22.65
C4 E4P K . 6.47 0.47 23.28
O4 E4P K . 6.90 0.50 24.61
P E4P K . 6.03 -0.06 25.84
O1P E4P K . 6.63 -1.28 26.43
O2P E4P K . 4.68 -0.30 25.29
O3P E4P K . 5.98 1.00 26.86
#